data_7OWJ
#
_entry.id   7OWJ
#
_cell.length_a   77.608
_cell.length_b   78.787
_cell.length_c   217.191
_cell.angle_alpha   90.000
_cell.angle_beta   90.000
_cell.angle_gamma   90.000
#
_symmetry.space_group_name_H-M   'P 21 21 21'
#
loop_
_entity.id
_entity.type
_entity.pdbx_description
1 polymer 'Adenylate kinase'
2 non-polymer "GUANOSINE-5'-TRIPHOSPHATE"
3 water water
#
_entity_poly.entity_id   1
_entity_poly.type   'polypeptide(L)'
_entity_poly.pdbx_seq_one_letter_code
;MRFILTGVPGAGKTTVCNKLAEKMSNLSVVNYGDVIFEEAKKLYPSIIQVREDTRKLPRADYRNIQIEAAKKISLITDNL
IVDTHMSLKTPYGFYPGLIPETINIIQPDGIILLEFNPRDVIARREKDRLAGKRVTRDMESETDILLHQQVNRMFAVSYS
AINQCYVKIIDLTWPQEYEFQHTEYAVNKIIEMLNFKI
;
_entity_poly.pdbx_strand_id   A,B,C,D,E,F
#
# COMPACT_ATOMS: atom_id res chain seq x y z
N MET A 1 33.48 -10.95 17.33
CA MET A 1 32.05 -11.30 17.22
C MET A 1 31.82 -12.17 16.00
N ARG A 2 30.66 -12.82 16.03
CA ARG A 2 30.25 -13.78 15.04
C ARG A 2 28.85 -13.43 14.56
N PHE A 3 28.71 -13.17 13.27
CA PHE A 3 27.42 -12.97 12.65
C PHE A 3 27.20 -13.92 11.50
N ILE A 4 25.98 -14.42 11.42
CA ILE A 4 25.51 -15.16 10.27
C ILE A 4 24.89 -14.16 9.31
N LEU A 5 25.33 -14.15 8.04
CA LEU A 5 24.90 -13.13 7.08
C LEU A 5 24.09 -13.82 6.00
N THR A 6 22.89 -13.31 5.73
CA THR A 6 21.93 -14.01 4.89
C THR A 6 21.21 -13.02 3.98
N GLY A 7 20.55 -13.59 2.97
CA GLY A 7 19.84 -12.80 1.98
C GLY A 7 19.38 -13.70 0.84
N VAL A 8 18.32 -13.29 0.15
CA VAL A 8 17.90 -14.05 -1.01
C VAL A 8 19.07 -14.16 -1.98
N PRO A 9 19.17 -15.22 -2.75
CA PRO A 9 20.30 -15.36 -3.68
C PRO A 9 20.23 -14.38 -4.86
N GLY A 10 21.42 -14.16 -5.43
CA GLY A 10 21.60 -13.39 -6.64
C GLY A 10 21.42 -11.91 -6.50
N ALA A 11 21.38 -11.39 -5.29
CA ALA A 11 21.02 -10.00 -5.07
C ALA A 11 22.20 -9.11 -4.68
N GLY A 12 23.30 -9.68 -4.17
CA GLY A 12 24.50 -8.93 -3.86
C GLY A 12 25.24 -9.39 -2.63
N LYS A 13 24.76 -10.47 -2.01
CA LYS A 13 25.32 -10.85 -0.72
C LYS A 13 26.79 -11.27 -0.83
N THR A 14 27.17 -11.97 -1.89
CA THR A 14 28.55 -12.41 -2.03
C THR A 14 29.50 -11.24 -2.34
N THR A 15 29.05 -10.29 -3.14
CA THR A 15 29.77 -9.04 -3.30
C THR A 15 30.03 -8.38 -1.95
N VAL A 16 29.03 -8.37 -1.07
CA VAL A 16 29.21 -7.75 0.24
C VAL A 16 30.28 -8.48 1.02
N CYS A 17 30.18 -9.83 1.06
CA CYS A 17 31.19 -10.62 1.77
C CYS A 17 32.60 -10.32 1.26
N ASN A 18 32.78 -10.26 -0.08
CA ASN A 18 34.11 -10.03 -0.61
C ASN A 18 34.62 -8.64 -0.26
N LYS A 19 33.76 -7.64 -0.32
CA LYS A 19 34.23 -6.29 -0.04
C LYS A 19 34.60 -6.13 1.44
N LEU A 20 33.84 -6.79 2.34
CA LEU A 20 34.14 -6.75 3.78
C LEU A 20 35.54 -7.28 4.10
N ALA A 21 35.90 -8.43 3.50
CA ALA A 21 37.16 -9.09 3.82
C ALA A 21 38.37 -8.37 3.24
N GLU A 22 38.18 -7.61 2.14
CA GLU A 22 39.19 -6.77 1.53
C GLU A 22 39.33 -5.41 2.18
N LYS A 23 38.54 -5.11 3.20
CA LYS A 23 38.45 -3.75 3.74
C LYS A 23 38.71 -3.70 5.24
N MET A 24 38.15 -4.63 6.01
CA MET A 24 38.32 -4.66 7.45
C MET A 24 39.34 -5.72 7.85
N SER A 25 40.34 -5.32 8.60
CA SER A 25 41.45 -6.26 8.80
C SER A 25 41.11 -7.29 9.85
N ASN A 26 41.62 -8.51 9.60
CA ASN A 26 41.60 -9.62 10.54
C ASN A 26 40.15 -10.01 10.85
N LEU A 27 39.38 -10.11 9.77
CA LEU A 27 37.98 -10.51 9.73
C LEU A 27 37.93 -11.73 8.84
N SER A 28 37.41 -12.83 9.36
CA SER A 28 37.21 -14.04 8.57
C SER A 28 35.82 -14.03 7.96
N VAL A 29 35.74 -14.43 6.69
CA VAL A 29 34.49 -14.56 5.98
C VAL A 29 34.44 -15.94 5.37
N VAL A 30 33.37 -16.67 5.67
CA VAL A 30 33.22 -18.07 5.33
C VAL A 30 31.85 -18.25 4.70
N ASN A 31 31.81 -19.00 3.62
CA ASN A 31 30.58 -19.42 2.96
C ASN A 31 30.24 -20.84 3.42
N TYR A 32 29.23 -20.98 4.28
CA TYR A 32 28.87 -22.27 4.85
C TYR A 32 28.77 -23.34 3.78
N GLY A 33 28.14 -23.03 2.65
CA GLY A 33 27.89 -24.03 1.62
C GLY A 33 29.14 -24.44 0.87
N ASP A 34 30.13 -23.55 0.73
CA ASP A 34 31.42 -23.97 0.20
C ASP A 34 32.09 -24.94 1.18
N VAL A 35 32.13 -24.58 2.45
CA VAL A 35 32.66 -25.49 3.47
C VAL A 35 31.95 -26.82 3.43
N ILE A 36 30.69 -26.82 3.01
CA ILE A 36 29.95 -28.05 3.01
C ILE A 36 30.32 -28.88 1.80
N PHE A 37 30.58 -28.22 0.66
CA PHE A 37 31.07 -28.91 -0.53
C PHE A 37 32.36 -29.65 -0.24
N GLU A 38 33.34 -28.95 0.34
CA GLU A 38 34.61 -29.57 0.70
C GLU A 38 34.39 -30.77 1.62
N GLU A 39 33.61 -30.60 2.68
CA GLU A 39 33.41 -31.68 3.64
C GLU A 39 32.74 -32.89 3.00
N ALA A 40 31.94 -32.67 1.94
CA ALA A 40 31.31 -33.78 1.24
C ALA A 40 32.25 -34.45 0.24
N LYS A 41 33.26 -33.73 -0.26
CA LYS A 41 34.27 -34.33 -1.13
C LYS A 41 35.27 -35.15 -0.33
N LYS A 42 35.85 -34.58 0.72
CA LYS A 42 36.73 -35.35 1.59
C LYS A 42 36.03 -36.62 2.11
N LEU A 43 34.71 -36.58 2.29
CA LEU A 43 33.99 -37.70 2.89
C LEU A 43 33.41 -38.68 1.88
N TYR A 44 32.95 -38.20 0.72
CA TYR A 44 32.18 -39.03 -0.20
C TYR A 44 32.66 -38.83 -1.64
N PRO A 45 33.97 -38.89 -1.90
CA PRO A 45 34.50 -38.31 -3.13
C PRO A 45 34.10 -39.02 -4.40
N SER A 46 33.48 -40.18 -4.31
CA SER A 46 33.12 -40.90 -5.51
C SER A 46 31.76 -40.50 -6.06
N ILE A 47 30.97 -39.73 -5.31
CA ILE A 47 29.53 -39.65 -5.55
C ILE A 47 29.11 -38.20 -5.72
N ILE A 48 29.83 -37.29 -5.06
CA ILE A 48 29.63 -35.87 -5.24
C ILE A 48 30.90 -35.36 -5.92
N GLN A 49 30.78 -34.95 -7.19
CA GLN A 49 31.84 -34.20 -7.85
C GLN A 49 31.45 -32.75 -8.13
N VAL A 50 30.16 -32.49 -8.34
CA VAL A 50 29.63 -31.14 -8.36
C VAL A 50 28.90 -30.91 -7.04
N ARG A 51 29.02 -29.70 -6.49
CA ARG A 51 28.34 -29.40 -5.23
C ARG A 51 26.87 -29.72 -5.30
N GLU A 52 26.25 -29.46 -6.44
CA GLU A 52 24.85 -29.85 -6.64
C GLU A 52 24.59 -31.35 -6.44
N ASP A 53 25.62 -32.21 -6.39
CA ASP A 53 25.44 -33.65 -6.26
C ASP A 53 25.08 -34.12 -4.84
N THR A 54 24.94 -33.23 -3.87
CA THR A 54 24.70 -33.74 -2.52
C THR A 54 23.26 -34.21 -2.33
N ARG A 55 22.35 -33.86 -3.25
CA ARG A 55 20.94 -34.19 -3.09
C ARG A 55 20.71 -35.67 -2.80
N LYS A 56 21.41 -36.55 -3.49
CA LYS A 56 21.17 -37.98 -3.36
C LYS A 56 21.95 -38.62 -2.24
N LEU A 57 22.75 -37.86 -1.51
CA LEU A 57 23.20 -38.32 -0.21
C LEU A 57 21.97 -38.51 0.69
N PRO A 58 21.90 -39.59 1.46
CA PRO A 58 20.85 -39.70 2.46
C PRO A 58 20.75 -38.44 3.30
N ARG A 59 19.53 -37.94 3.50
CA ARG A 59 19.39 -36.73 4.32
C ARG A 59 20.05 -36.87 5.68
N ALA A 60 20.32 -38.09 6.10
CA ALA A 60 20.92 -38.33 7.41
C ALA A 60 22.43 -38.10 7.41
N ASP A 61 23.12 -38.47 6.33
CA ASP A 61 24.55 -38.18 6.35
C ASP A 61 24.86 -36.78 5.82
N TYR A 62 24.03 -36.23 4.93
CA TYR A 62 24.17 -34.81 4.61
C TYR A 62 24.16 -34.00 5.91
N ARG A 63 23.15 -34.22 6.77
CA ARG A 63 23.08 -33.53 8.06
C ARG A 63 24.41 -33.59 8.79
N ASN A 64 25.10 -34.74 8.73
CA ASN A 64 26.35 -34.88 9.48
C ASN A 64 27.44 -34.00 8.92
N ILE A 65 27.39 -33.75 7.61
CA ILE A 65 28.34 -32.86 6.95
C ILE A 65 28.12 -31.42 7.37
N GLN A 66 26.87 -31.00 7.51
CA GLN A 66 26.58 -29.66 8.02
C GLN A 66 27.16 -29.47 9.40
N ILE A 67 27.11 -30.51 10.24
CA ILE A 67 27.69 -30.45 11.59
C ILE A 67 29.21 -30.36 11.51
N GLU A 68 29.82 -31.22 10.69
CA GLU A 68 31.27 -31.18 10.52
C GLU A 68 31.72 -29.85 9.93
N ALA A 69 30.97 -29.30 8.96
CA ALA A 69 31.24 -27.95 8.48
C ALA A 69 31.12 -26.93 9.60
N ALA A 70 30.05 -27.05 10.38
CA ALA A 70 29.85 -26.11 11.49
C ALA A 70 30.97 -26.23 12.51
N LYS A 71 31.43 -27.45 12.79
CA LYS A 71 32.50 -27.68 13.75
C LYS A 71 33.81 -27.02 13.32
N LYS A 72 34.14 -27.12 12.03
CA LYS A 72 35.34 -26.48 11.51
C LYS A 72 35.29 -24.97 11.65
N ILE A 73 34.21 -24.36 11.13
CA ILE A 73 33.99 -22.92 11.20
C ILE A 73 34.11 -22.43 12.63
N SER A 74 33.70 -23.26 13.59
CA SER A 74 33.66 -22.81 14.98
C SER A 74 35.04 -22.60 15.60
N LEU A 75 36.13 -23.06 14.97
CA LEU A 75 37.48 -22.88 15.51
C LEU A 75 38.16 -21.57 15.08
N ILE A 76 37.54 -20.80 14.20
CA ILE A 76 38.03 -19.46 13.85
C ILE A 76 37.91 -18.53 15.04
N THR A 77 38.97 -17.82 15.43
CA THR A 77 38.97 -17.03 16.69
C THR A 77 38.83 -15.53 16.52
N ASP A 78 38.93 -14.93 15.34
CA ASP A 78 38.81 -13.46 15.27
C ASP A 78 37.35 -13.09 14.89
N ASN A 79 37.07 -11.88 14.42
CA ASN A 79 35.72 -11.51 13.93
C ASN A 79 35.36 -12.47 12.79
N LEU A 80 34.12 -12.85 12.71
CA LEU A 80 33.67 -13.87 11.77
C LEU A 80 32.31 -13.56 11.18
N ILE A 81 32.21 -13.79 9.88
CA ILE A 81 30.96 -13.66 9.14
C ILE A 81 30.77 -14.97 8.40
N VAL A 82 29.60 -15.59 8.58
CA VAL A 82 29.24 -16.80 7.85
C VAL A 82 28.15 -16.45 6.85
N ASP A 83 28.51 -16.54 5.59
CA ASP A 83 27.63 -16.26 4.48
C ASP A 83 26.78 -17.51 4.26
N THR A 84 25.47 -17.39 4.36
CA THR A 84 24.63 -18.55 4.14
C THR A 84 23.22 -18.07 3.79
N HIS A 85 22.25 -18.99 3.87
CA HIS A 85 20.84 -18.71 3.61
C HIS A 85 20.00 -19.11 4.81
N MET A 86 19.03 -18.27 5.16
CA MET A 86 18.00 -18.66 6.11
C MET A 86 17.08 -19.73 5.51
N SER A 87 16.76 -19.63 4.21
CA SER A 87 15.88 -20.62 3.58
C SER A 87 16.14 -20.64 2.09
N LEU A 88 15.71 -21.72 1.45
CA LEU A 88 15.72 -21.79 0.00
C LEU A 88 14.40 -22.36 -0.52
N LYS A 89 13.96 -21.86 -1.67
CA LYS A 89 12.75 -22.36 -2.29
C LYS A 89 13.06 -23.70 -2.95
N THR A 90 12.29 -24.72 -2.60
CA THR A 90 12.33 -25.99 -3.32
C THR A 90 10.93 -26.25 -3.87
N PRO A 91 10.71 -27.33 -4.61
CA PRO A 91 9.33 -27.63 -5.03
C PRO A 91 8.44 -28.15 -3.91
N TYR A 92 9.00 -28.70 -2.84
CA TYR A 92 8.22 -28.90 -1.63
C TYR A 92 8.01 -27.60 -0.81
N GLY A 93 8.45 -26.44 -1.30
CA GLY A 93 8.36 -25.21 -0.53
C GLY A 93 9.66 -24.86 0.17
N PHE A 94 9.58 -23.79 0.97
CA PHE A 94 10.78 -23.25 1.60
C PHE A 94 11.39 -24.30 2.52
N TYR A 95 12.72 -24.36 2.58
CA TYR A 95 13.40 -25.23 3.54
C TYR A 95 14.52 -24.47 4.25
N PRO A 96 14.72 -24.71 5.55
CA PRO A 96 15.76 -23.95 6.26
C PRO A 96 17.18 -24.34 5.87
N GLY A 97 18.04 -23.34 5.75
CA GLY A 97 19.43 -23.58 5.43
C GLY A 97 20.24 -24.05 6.63
N LEU A 98 19.95 -23.53 7.80
CA LEU A 98 20.69 -23.95 8.99
C LEU A 98 20.00 -25.16 9.62
N ILE A 99 20.73 -25.82 10.49
CA ILE A 99 20.19 -26.81 11.42
C ILE A 99 20.52 -26.30 12.81
N PRO A 100 19.77 -26.73 13.82
CA PRO A 100 20.07 -26.28 15.19
C PRO A 100 21.52 -26.48 15.59
N GLU A 101 22.11 -27.63 15.26
CA GLU A 101 23.50 -27.88 15.57
C GLU A 101 24.41 -26.76 15.07
N THR A 102 24.13 -26.25 13.86
CA THR A 102 24.95 -25.19 13.28
C THR A 102 25.09 -24.00 14.22
N ILE A 103 23.98 -23.64 14.89
CA ILE A 103 23.93 -22.42 15.68
C ILE A 103 24.50 -22.64 17.07
N ASN A 104 24.18 -23.77 17.70
CA ASN A 104 24.81 -24.05 18.98
C ASN A 104 26.30 -24.27 18.81
N ILE A 105 26.73 -24.84 17.69
CA ILE A 105 28.14 -25.12 17.52
C ILE A 105 28.87 -23.82 17.22
N ILE A 106 28.30 -23.00 16.33
CA ILE A 106 28.93 -21.75 15.97
C ILE A 106 28.68 -20.63 16.96
N GLN A 107 27.66 -20.74 17.81
CA GLN A 107 27.35 -19.70 18.80
C GLN A 107 27.42 -18.32 18.15
N PRO A 108 26.69 -18.03 17.11
CA PRO A 108 26.70 -16.68 16.54
C PRO A 108 26.15 -15.67 17.50
N ASP A 109 26.78 -14.49 17.54
CA ASP A 109 26.17 -13.37 18.25
C ASP A 109 24.89 -12.90 17.56
N GLY A 110 24.81 -13.01 16.25
CA GLY A 110 23.76 -12.33 15.51
C GLY A 110 23.48 -12.96 14.17
N ILE A 111 22.32 -12.61 13.63
CA ILE A 111 21.92 -12.89 12.25
C ILE A 111 21.67 -11.57 11.54
N ILE A 112 22.23 -11.43 10.36
CA ILE A 112 22.09 -10.22 9.56
C ILE A 112 21.30 -10.60 8.32
N LEU A 113 20.30 -9.79 8.00
CA LEU A 113 19.48 -9.99 6.81
C LEU A 113 19.69 -8.81 5.88
N LEU A 114 20.05 -9.09 4.65
CA LEU A 114 20.13 -8.07 3.61
C LEU A 114 18.79 -8.13 2.89
N GLU A 115 18.01 -7.05 3.00
CA GLU A 115 16.70 -6.98 2.38
C GLU A 115 16.77 -6.07 1.17
N PHE A 116 16.41 -6.61 0.00
CA PHE A 116 16.52 -5.91 -1.28
C PHE A 116 15.15 -5.56 -1.83
N ASN A 117 15.13 -4.60 -2.76
CA ASN A 117 13.94 -4.35 -3.55
C ASN A 117 13.83 -5.42 -4.63
N PRO A 118 12.72 -6.09 -4.76
CA PRO A 118 12.65 -7.24 -5.68
C PRO A 118 12.94 -6.91 -7.14
N ARG A 119 12.83 -5.67 -7.57
CA ARG A 119 13.18 -5.36 -8.95
C ARG A 119 14.68 -5.42 -9.14
N ASP A 120 15.42 -4.84 -8.20
CA ASP A 120 16.87 -4.99 -8.19
C ASP A 120 17.26 -6.46 -8.20
N VAL A 121 16.60 -7.29 -7.39
CA VAL A 121 16.96 -8.69 -7.35
C VAL A 121 16.77 -9.33 -8.73
N ILE A 122 15.63 -9.06 -9.36
CA ILE A 122 15.39 -9.56 -10.71
C ILE A 122 16.43 -9.01 -11.67
N ALA A 123 16.71 -7.72 -11.56
CA ALA A 123 17.66 -7.14 -12.50
C ALA A 123 19.03 -7.78 -12.32
N ARG A 124 19.47 -7.95 -11.07
CA ARG A 124 20.78 -8.55 -10.82
C ARG A 124 20.81 -10.00 -11.27
N ARG A 125 19.79 -10.77 -10.93
CA ARG A 125 19.79 -12.15 -11.37
C ARG A 125 19.84 -12.21 -12.90
N GLU A 126 19.26 -11.22 -13.57
CA GLU A 126 19.27 -11.21 -15.03
C GLU A 126 20.64 -10.85 -15.59
N LYS A 127 21.29 -9.83 -15.03
CA LYS A 127 22.62 -9.46 -15.54
C LYS A 127 23.62 -10.59 -15.32
N ASP A 128 23.37 -11.49 -14.37
CA ASP A 128 24.31 -12.55 -14.05
C ASP A 128 24.16 -13.79 -14.92
N ARG A 129 23.01 -13.98 -15.57
CA ARG A 129 22.93 -15.05 -16.56
C ARG A 129 23.51 -14.58 -17.89
N LEU A 130 23.40 -13.29 -18.19
CA LEU A 130 24.10 -12.69 -19.34
C LEU A 130 25.62 -12.66 -19.17
N ALA A 131 26.15 -12.72 -17.95
CA ALA A 131 27.58 -12.85 -17.73
C ALA A 131 28.02 -14.30 -17.62
N GLY A 132 27.17 -15.24 -18.04
CA GLY A 132 27.56 -16.63 -18.12
C GLY A 132 27.76 -17.33 -16.79
N LYS A 133 27.22 -16.78 -15.70
CA LYS A 133 27.33 -17.43 -14.39
C LYS A 133 26.36 -18.60 -14.26
N ARG A 134 25.06 -18.31 -14.33
CA ARG A 134 24.03 -19.34 -14.25
C ARG A 134 23.65 -19.75 -15.65
N VAL A 135 23.35 -21.04 -15.81
CA VAL A 135 22.98 -21.55 -17.13
C VAL A 135 21.49 -21.31 -17.43
N THR A 136 20.61 -21.32 -16.41
CA THR A 136 19.18 -21.32 -16.65
C THR A 136 18.50 -20.16 -15.90
N ARG A 137 17.38 -19.69 -16.47
CA ARG A 137 16.77 -18.41 -16.11
C ARG A 137 15.80 -18.52 -14.93
N ASP A 138 15.91 -17.57 -14.02
CA ASP A 138 15.11 -17.53 -12.79
C ASP A 138 13.78 -16.81 -13.05
N MET A 139 12.68 -17.52 -12.77
CA MET A 139 11.38 -16.97 -13.11
C MET A 139 10.57 -16.56 -11.89
N GLU A 140 11.21 -16.33 -10.74
CA GLU A 140 10.49 -15.84 -9.56
C GLU A 140 10.01 -14.42 -9.85
N SER A 141 8.83 -14.09 -9.34
CA SER A 141 8.20 -12.81 -9.56
C SER A 141 8.64 -11.78 -8.51
N GLU A 142 8.17 -10.54 -8.64
CA GLU A 142 8.31 -9.62 -7.52
C GLU A 142 7.69 -10.18 -6.24
N THR A 143 6.43 -10.68 -6.29
CA THR A 143 5.83 -11.13 -5.03
C THR A 143 6.49 -12.40 -4.47
N ASP A 144 7.05 -13.24 -5.34
CA ASP A 144 7.80 -14.40 -4.88
C ASP A 144 8.95 -13.97 -3.97
N ILE A 145 9.62 -12.88 -4.36
CA ILE A 145 10.81 -12.44 -3.66
C ILE A 145 10.44 -11.78 -2.35
N LEU A 146 9.36 -10.97 -2.34
CA LEU A 146 8.84 -10.45 -1.08
C LEU A 146 8.51 -11.57 -0.13
N LEU A 147 7.80 -12.59 -0.63
CA LEU A 147 7.46 -13.73 0.19
C LEU A 147 8.73 -14.37 0.73
N HIS A 148 9.72 -14.62 -0.14
CA HIS A 148 10.92 -15.26 0.34
C HIS A 148 11.54 -14.42 1.44
N GLN A 149 11.50 -13.09 1.29
CA GLN A 149 12.13 -12.25 2.30
C GLN A 149 11.31 -12.26 3.59
N GLN A 150 9.98 -12.35 3.48
CA GLN A 150 9.17 -12.36 4.69
C GLN A 150 9.44 -13.62 5.49
N VAL A 151 9.53 -14.76 4.79
CA VAL A 151 9.78 -16.05 5.42
C VAL A 151 11.16 -16.04 6.10
N ASN A 152 12.15 -15.37 5.48
CA ASN A 152 13.48 -15.29 6.02
C ASN A 152 13.48 -14.51 7.33
N ARG A 153 12.65 -13.47 7.44
CA ARG A 153 12.55 -12.79 8.73
C ARG A 153 12.05 -13.76 9.78
N MET A 154 11.05 -14.53 9.44
CA MET A 154 10.43 -15.38 10.46
C MET A 154 11.39 -16.45 10.90
N PHE A 155 12.16 -17.01 9.97
CA PHE A 155 13.20 -17.93 10.39
C PHE A 155 14.19 -17.26 11.31
N ALA A 156 14.64 -16.06 10.96
CA ALA A 156 15.62 -15.37 11.79
C ALA A 156 15.10 -15.15 13.23
N VAL A 157 13.85 -14.70 13.37
CA VAL A 157 13.31 -14.35 14.68
C VAL A 157 13.05 -15.60 15.50
N SER A 158 12.70 -16.71 14.85
CA SER A 158 12.61 -17.99 15.51
C SER A 158 13.94 -18.41 16.09
N TYR A 159 14.99 -18.41 15.24
CA TYR A 159 16.30 -18.80 15.75
C TYR A 159 16.69 -17.88 16.90
N SER A 160 16.17 -16.65 16.93
CA SER A 160 16.53 -15.74 18.01
C SER A 160 15.70 -15.96 19.27
N ALA A 161 14.40 -16.23 19.12
CA ALA A 161 13.61 -16.66 20.26
C ALA A 161 14.24 -17.90 20.92
N ILE A 162 14.74 -18.82 20.12
CA ILE A 162 15.26 -20.12 20.60
C ILE A 162 16.69 -20.02 21.13
N ASN A 163 17.56 -19.30 20.47
CA ASN A 163 19.01 -19.27 20.79
C ASN A 163 19.45 -17.99 21.48
N GLN A 164 18.57 -17.01 21.66
CA GLN A 164 18.88 -15.69 22.26
C GLN A 164 20.05 -15.02 21.52
N CYS A 165 19.88 -14.68 20.26
CA CYS A 165 20.87 -13.94 19.43
C CYS A 165 20.24 -12.66 18.89
N TYR A 166 21.03 -11.76 18.32
CA TYR A 166 20.53 -10.55 17.68
C TYR A 166 19.98 -10.89 16.29
N VAL A 167 19.06 -10.04 15.81
CA VAL A 167 18.48 -10.10 14.47
C VAL A 167 18.53 -8.70 13.86
N LYS A 168 19.45 -8.51 12.91
CA LYS A 168 19.77 -7.22 12.31
C LYS A 168 19.21 -7.24 10.90
N ILE A 169 18.36 -6.26 10.60
CA ILE A 169 17.76 -6.10 9.29
C ILE A 169 18.35 -4.88 8.63
N ILE A 170 19.20 -5.11 7.62
CA ILE A 170 19.83 -4.04 6.86
C ILE A 170 18.98 -3.79 5.63
N ASP A 171 18.33 -2.63 5.61
CA ASP A 171 17.43 -2.25 4.54
C ASP A 171 18.25 -1.78 3.34
N LEU A 172 18.25 -2.57 2.26
CA LEU A 172 18.81 -2.20 0.97
C LEU A 172 17.73 -2.00 -0.12
N THR A 173 16.55 -1.50 0.28
CA THR A 173 15.41 -1.47 -0.63
C THR A 173 15.20 -0.13 -1.32
N TRP A 174 15.83 0.95 -0.84
CA TRP A 174 15.71 2.26 -1.45
C TRP A 174 16.36 2.22 -2.84
N PRO A 175 16.08 3.21 -3.69
CA PRO A 175 16.67 3.15 -5.05
C PRO A 175 18.10 3.66 -5.06
N GLN A 176 18.93 3.05 -5.88
CA GLN A 176 20.34 3.44 -5.95
C GLN A 176 20.49 4.71 -6.79
N GLU A 177 21.18 5.69 -6.22
CA GLU A 177 21.57 6.90 -6.94
C GLU A 177 22.79 6.68 -7.81
N TYR A 178 23.68 5.76 -7.41
CA TYR A 178 24.81 5.37 -8.24
C TYR A 178 25.07 3.88 -8.09
N GLU A 179 26.05 3.41 -8.83
CA GLU A 179 26.23 1.99 -8.99
C GLU A 179 26.96 1.42 -7.78
N PHE A 180 26.48 0.26 -7.35
CA PHE A 180 26.98 -0.50 -6.21
C PHE A 180 26.80 0.23 -4.90
N GLN A 181 25.88 1.19 -4.81
CA GLN A 181 25.69 1.90 -3.55
C GLN A 181 25.12 1.00 -2.44
N HIS A 182 24.20 0.09 -2.76
CA HIS A 182 23.68 -0.83 -1.75
C HIS A 182 24.80 -1.62 -1.10
N THR A 183 25.63 -2.22 -1.94
CA THR A 183 26.73 -3.02 -1.42
C THR A 183 27.63 -2.18 -0.54
N GLU A 184 28.03 -0.99 -1.02
CA GLU A 184 28.77 -0.07 -0.18
C GLU A 184 28.09 0.13 1.18
N TYR A 185 26.80 0.45 1.17
CA TYR A 185 26.06 0.70 2.40
C TYR A 185 26.08 -0.52 3.33
N ALA A 186 25.75 -1.70 2.83
CA ALA A 186 25.69 -2.87 3.72
C ALA A 186 27.08 -3.16 4.31
N VAL A 187 28.13 -2.95 3.55
CA VAL A 187 29.50 -3.17 4.00
C VAL A 187 29.85 -2.25 5.16
N ASN A 188 29.52 -0.96 5.00
CA ASN A 188 29.81 0.04 6.04
C ASN A 188 28.90 -0.13 7.26
N LYS A 189 27.66 -0.57 7.07
CA LYS A 189 26.86 -0.79 8.25
C LYS A 189 27.41 -1.98 9.02
N ILE A 190 27.93 -2.99 8.33
CA ILE A 190 28.39 -4.19 9.02
C ILE A 190 29.68 -3.93 9.74
N ILE A 191 30.55 -3.11 9.13
CA ILE A 191 31.81 -2.77 9.77
C ILE A 191 31.54 -1.92 10.99
N GLU A 192 30.62 -0.97 10.89
CA GLU A 192 30.28 -0.19 12.07
C GLU A 192 29.79 -1.09 13.20
N MET A 193 29.11 -2.16 12.84
CA MET A 193 28.65 -3.11 13.83
C MET A 193 29.83 -3.79 14.53
N LEU A 194 30.80 -4.29 13.75
CA LEU A 194 31.96 -5.00 14.29
C LEU A 194 32.89 -4.12 15.14
N ASN A 195 32.93 -2.80 14.91
CA ASN A 195 33.83 -1.88 15.60
C ASN A 195 33.11 -1.07 16.66
N PHE A 196 32.01 -1.55 17.20
CA PHE A 196 31.18 -0.72 18.03
C PHE A 196 31.53 -0.84 19.51
N MET B 1 -5.96 -15.40 35.69
CA MET B 1 -5.09 -16.04 34.67
C MET B 1 -3.76 -15.31 34.72
N ARG B 2 -2.82 -15.76 33.89
CA ARG B 2 -1.54 -15.10 33.72
C ARG B 2 -1.41 -14.64 32.29
N PHE B 3 -0.99 -13.38 32.09
CA PHE B 3 -0.69 -12.86 30.77
C PHE B 3 0.57 -12.01 30.80
N ILE B 4 1.34 -12.11 29.72
CA ILE B 4 2.48 -11.22 29.51
C ILE B 4 1.99 -10.09 28.62
N LEU B 5 2.19 -8.83 29.04
CA LEU B 5 1.72 -7.67 28.28
C LEU B 5 2.90 -6.96 27.64
N THR B 6 2.83 -6.73 26.32
CA THR B 6 3.95 -6.15 25.59
C THR B 6 3.51 -5.12 24.54
N GLY B 7 4.49 -4.30 24.13
CA GLY B 7 4.34 -3.32 23.06
C GLY B 7 5.62 -2.52 22.93
N VAL B 8 5.70 -1.74 21.86
CA VAL B 8 6.91 -0.93 21.65
C VAL B 8 6.99 0.11 22.76
N PRO B 9 8.18 0.53 23.13
CA PRO B 9 8.31 1.43 24.29
C PRO B 9 7.85 2.84 24.00
N GLY B 10 7.42 3.52 25.06
CA GLY B 10 7.09 4.92 25.00
C GLY B 10 5.77 5.25 24.35
N ALA B 11 4.87 4.30 24.20
CA ALA B 11 3.65 4.51 23.42
C ALA B 11 2.39 4.49 24.26
N GLY B 12 2.49 4.20 25.56
CA GLY B 12 1.34 4.19 26.42
C GLY B 12 1.17 2.90 27.19
N LYS B 13 1.99 1.87 27.03
CA LYS B 13 1.90 0.56 27.73
C LYS B 13 1.88 0.71 29.25
N THR B 14 2.68 1.59 29.83
CA THR B 14 2.65 1.85 31.30
C THR B 14 1.34 2.47 31.68
N THR B 15 0.80 3.37 30.88
CA THR B 15 -0.50 3.99 31.15
C THR B 15 -1.51 2.85 31.15
N VAL B 16 -1.32 1.81 30.34
CA VAL B 16 -2.27 0.70 30.40
C VAL B 16 -2.07 -0.11 31.68
N CYS B 17 -0.83 -0.32 32.09
CA CYS B 17 -0.57 -1.04 33.32
C CYS B 17 -1.09 -0.30 34.55
N ASN B 18 -0.69 0.97 34.72
CA ASN B 18 -1.20 1.79 35.81
C ASN B 18 -2.73 1.77 35.90
N LYS B 19 -3.44 1.88 34.77
CA LYS B 19 -4.89 1.93 34.83
C LYS B 19 -5.54 0.56 35.08
N LEU B 20 -4.94 -0.54 34.60
CA LEU B 20 -5.45 -1.85 35.00
C LEU B 20 -5.38 -2.03 36.51
N ALA B 21 -4.22 -1.72 37.11
CA ALA B 21 -4.09 -1.92 38.54
C ALA B 21 -5.19 -1.19 39.29
N GLU B 22 -5.68 -0.06 38.73
CA GLU B 22 -6.67 0.76 39.42
C GLU B 22 -8.08 0.23 39.28
N LYS B 23 -8.38 -0.54 38.22
CA LYS B 23 -9.76 -0.95 37.93
C LYS B 23 -10.00 -2.43 38.18
N MET B 24 -9.11 -3.12 38.88
CA MET B 24 -9.30 -4.55 39.10
C MET B 24 -8.64 -4.93 40.42
N SER B 25 -9.46 -5.33 41.38
CA SER B 25 -8.93 -5.66 42.68
C SER B 25 -8.16 -6.97 42.61
N ASN B 26 -8.72 -7.94 41.91
CA ASN B 26 -8.17 -9.29 41.86
C ASN B 26 -7.05 -9.42 40.84
N LEU B 27 -6.13 -8.45 40.84
CA LEU B 27 -5.10 -8.34 39.83
C LEU B 27 -3.84 -7.72 40.40
N SER B 28 -2.75 -8.46 40.30
CA SER B 28 -1.40 -7.93 40.39
C SER B 28 -0.86 -7.55 39.00
N VAL B 29 -0.29 -6.37 38.89
CA VAL B 29 0.34 -5.91 37.66
C VAL B 29 1.79 -5.66 38.03
N VAL B 30 2.67 -6.55 37.64
CA VAL B 30 4.09 -6.40 37.94
C VAL B 30 4.89 -6.11 36.66
N ASN B 31 5.94 -5.31 36.84
CA ASN B 31 6.83 -4.90 35.77
C ASN B 31 8.08 -5.74 35.85
N TYR B 32 8.30 -6.57 34.83
CA TYR B 32 9.37 -7.55 34.87
C TYR B 32 10.73 -6.87 35.05
N GLY B 33 10.87 -5.68 34.46
CA GLY B 33 12.10 -4.93 34.62
C GLY B 33 12.28 -4.44 36.04
N ASP B 34 11.22 -3.87 36.61
CA ASP B 34 11.27 -3.49 38.03
C ASP B 34 11.75 -4.66 38.89
N VAL B 35 11.12 -5.83 38.78
CA VAL B 35 11.55 -6.96 39.60
C VAL B 35 13.00 -7.32 39.32
N ILE B 36 13.43 -7.26 38.07
CA ILE B 36 14.82 -7.65 37.68
C ILE B 36 15.83 -6.69 38.32
N PHE B 37 15.49 -5.42 38.37
CA PHE B 37 16.28 -4.35 39.00
C PHE B 37 16.33 -4.59 40.51
N GLU B 38 15.18 -4.95 41.07
CA GLU B 38 15.02 -5.24 42.51
C GLU B 38 15.93 -6.42 42.84
N GLU B 39 15.79 -7.57 42.17
CA GLU B 39 16.60 -8.74 42.50
C GLU B 39 18.06 -8.53 42.17
N ALA B 40 18.39 -7.61 41.28
CA ALA B 40 19.78 -7.28 41.01
C ALA B 40 20.41 -6.58 42.22
N LYS B 41 19.79 -5.50 42.69
CA LYS B 41 20.29 -4.81 43.88
C LYS B 41 20.55 -5.79 45.01
N LYS B 42 19.66 -6.76 45.19
CA LYS B 42 19.84 -7.79 46.22
C LYS B 42 21.17 -8.51 46.04
N LEU B 43 21.33 -9.21 44.92
CA LEU B 43 22.41 -10.19 44.79
C LEU B 43 23.78 -9.56 44.96
N TYR B 44 24.07 -8.47 44.24
CA TYR B 44 25.35 -7.78 44.36
C TYR B 44 25.15 -6.27 44.38
N PRO B 45 25.13 -5.67 45.60
CA PRO B 45 24.82 -4.23 45.72
C PRO B 45 25.90 -3.25 45.26
N SER B 46 27.17 -3.49 45.56
CA SER B 46 28.21 -2.54 45.16
C SER B 46 28.28 -2.39 43.64
N ILE B 47 27.84 -3.41 42.91
CA ILE B 47 27.85 -3.44 41.46
C ILE B 47 26.51 -3.02 40.86
N ILE B 48 25.50 -2.76 41.67
CA ILE B 48 24.15 -2.47 41.19
C ILE B 48 23.59 -1.30 42.00
N GLN B 49 23.24 -0.20 41.32
CA GLN B 49 22.54 0.88 42.00
C GLN B 49 21.42 1.47 41.13
N VAL B 50 21.70 1.89 39.92
CA VAL B 50 20.68 2.53 39.10
C VAL B 50 20.03 1.50 38.17
N ARG B 51 18.98 1.90 37.44
CA ARG B 51 18.26 0.95 36.59
C ARG B 51 19.12 0.43 35.45
N GLU B 52 19.88 1.32 34.80
CA GLU B 52 20.72 0.92 33.67
C GLU B 52 21.84 -0.03 34.08
N ASP B 53 22.21 -0.04 35.37
CA ASP B 53 23.30 -0.88 35.86
C ASP B 53 23.13 -2.35 35.48
N THR B 54 21.89 -2.81 35.23
CA THR B 54 21.64 -4.22 35.01
C THR B 54 22.50 -4.78 33.88
N ARG B 55 22.62 -4.05 32.77
CA ARG B 55 23.21 -4.54 31.54
C ARG B 55 24.72 -4.80 31.64
N LYS B 56 25.41 -4.17 32.59
CA LYS B 56 26.86 -4.07 32.49
C LYS B 56 27.56 -5.42 32.67
N LEU B 57 27.06 -6.27 33.56
CA LEU B 57 27.79 -7.50 33.82
C LEU B 57 27.43 -8.58 32.81
N PRO B 58 28.24 -9.65 32.75
CA PRO B 58 28.08 -10.64 31.68
C PRO B 58 26.70 -11.27 31.69
N ARG B 59 26.38 -11.96 30.58
CA ARG B 59 25.04 -12.53 30.41
C ARG B 59 24.81 -13.67 31.39
N ALA B 60 25.86 -14.40 31.75
CA ALA B 60 25.71 -15.50 32.69
C ALA B 60 25.08 -15.04 34.01
N ASP B 61 25.53 -13.89 34.53
CA ASP B 61 24.92 -13.36 35.74
C ASP B 61 23.54 -12.77 35.45
N TYR B 62 23.44 -11.96 34.39
CA TYR B 62 22.15 -11.34 34.06
C TYR B 62 21.07 -12.40 33.86
N ARG B 63 21.38 -13.50 33.16
CA ARG B 63 20.38 -14.55 33.00
C ARG B 63 19.95 -15.08 34.36
N ASN B 64 20.89 -15.29 35.28
CA ASN B 64 20.52 -15.92 36.54
C ASN B 64 19.64 -15.04 37.42
N ILE B 65 19.69 -13.72 37.24
CA ILE B 65 18.75 -12.85 37.93
C ILE B 65 17.37 -12.90 37.26
N GLN B 66 17.34 -12.94 35.93
CA GLN B 66 16.07 -13.13 35.21
C GLN B 66 15.37 -14.40 35.69
N ILE B 67 16.13 -15.48 35.95
CA ILE B 67 15.54 -16.70 36.50
C ILE B 67 14.85 -16.39 37.82
N GLU B 68 15.53 -15.69 38.73
CA GLU B 68 15.00 -15.48 40.08
C GLU B 68 13.87 -14.46 40.09
N ALA B 69 13.96 -13.44 39.26
CA ALA B 69 12.84 -12.54 39.09
C ALA B 69 11.61 -13.32 38.64
N ALA B 70 11.80 -14.20 37.66
CA ALA B 70 10.68 -15.01 37.18
C ALA B 70 10.08 -15.86 38.30
N LYS B 71 10.92 -16.50 39.10
CA LYS B 71 10.43 -17.35 40.18
C LYS B 71 9.58 -16.55 41.17
N LYS B 72 10.02 -15.35 41.54
CA LYS B 72 9.24 -14.56 42.48
C LYS B 72 7.87 -14.21 41.90
N ILE B 73 7.85 -13.75 40.64
CA ILE B 73 6.58 -13.46 39.97
C ILE B 73 5.70 -14.72 40.00
N SER B 74 6.30 -15.88 39.90
CA SER B 74 5.60 -17.18 39.96
C SER B 74 4.94 -17.42 41.32
N LEU B 75 5.34 -16.81 42.41
CA LEU B 75 4.65 -16.95 43.71
C LEU B 75 3.31 -16.22 43.71
N ILE B 76 3.10 -15.23 42.85
CA ILE B 76 1.82 -14.46 42.80
C ILE B 76 0.67 -15.44 42.54
N THR B 77 -0.45 -15.33 43.25
CA THR B 77 -1.57 -16.33 43.21
C THR B 77 -2.82 -15.86 42.49
N ASP B 78 -3.11 -14.57 42.43
CA ASP B 78 -4.32 -14.07 41.78
C ASP B 78 -4.02 -13.85 40.30
N ASN B 79 -4.90 -13.13 39.60
CA ASN B 79 -4.60 -12.72 38.24
C ASN B 79 -3.31 -11.92 38.17
N LEU B 80 -2.58 -12.12 37.08
CA LEU B 80 -1.25 -11.54 36.87
C LEU B 80 -1.08 -11.02 35.45
N ILE B 81 -0.72 -9.75 35.32
CA ILE B 81 -0.17 -9.16 34.10
C ILE B 81 1.31 -8.91 34.34
N VAL B 82 2.18 -9.53 33.54
CA VAL B 82 3.61 -9.19 33.60
C VAL B 82 3.94 -8.19 32.47
N ASP B 83 4.41 -7.00 32.84
CA ASP B 83 4.66 -5.90 31.90
C ASP B 83 6.10 -6.03 31.39
N THR B 84 6.26 -6.33 30.10
CA THR B 84 7.59 -6.66 29.56
C THR B 84 7.67 -6.20 28.10
N HIS B 85 8.74 -6.62 27.41
CA HIS B 85 8.97 -6.28 25.99
C HIS B 85 9.34 -7.56 25.24
N MET B 86 8.73 -7.78 24.08
CA MET B 86 9.16 -8.90 23.25
C MET B 86 10.59 -8.69 22.74
N SER B 87 11.03 -7.44 22.54
CA SER B 87 12.38 -7.26 21.99
C SER B 87 12.82 -5.80 22.10
N LEU B 88 14.12 -5.63 22.07
CA LEU B 88 14.68 -4.30 22.11
C LEU B 88 15.60 -4.08 20.93
N LYS B 89 15.52 -2.85 20.38
CA LYS B 89 16.42 -2.44 19.31
C LYS B 89 17.77 -2.09 19.90
N THR B 90 18.82 -2.64 19.32
CA THR B 90 20.22 -2.41 19.69
C THR B 90 20.99 -2.21 18.40
N PRO B 91 22.20 -1.65 18.49
CA PRO B 91 23.00 -1.47 17.26
C PRO B 91 23.33 -2.76 16.56
N TYR B 92 23.30 -3.87 17.28
CA TYR B 92 23.50 -5.21 16.73
C TYR B 92 22.23 -5.83 16.14
N GLY B 93 21.08 -5.18 16.31
CA GLY B 93 19.78 -5.65 15.86
C GLY B 93 18.75 -5.75 16.98
N PHE B 94 17.69 -6.48 16.75
CA PHE B 94 16.72 -6.75 17.78
C PHE B 94 17.21 -7.88 18.67
N TYR B 95 16.85 -7.83 19.95
CA TYR B 95 17.31 -8.83 20.90
C TYR B 95 16.10 -9.17 21.77
N PRO B 96 15.80 -10.47 21.95
CA PRO B 96 14.63 -10.84 22.78
C PRO B 96 14.68 -10.20 24.16
N GLY B 97 13.53 -9.71 24.60
CA GLY B 97 13.45 -9.20 25.97
C GLY B 97 13.26 -10.28 27.03
N LEU B 98 12.70 -11.41 26.65
CA LEU B 98 12.52 -12.56 27.51
C LEU B 98 13.68 -13.54 27.33
N ILE B 99 13.74 -14.53 28.22
CA ILE B 99 14.56 -15.72 28.02
C ILE B 99 13.64 -16.92 28.16
N PRO B 100 14.00 -18.06 27.57
CA PRO B 100 13.09 -19.23 27.63
C PRO B 100 12.71 -19.66 29.03
N GLU B 101 13.56 -19.45 30.03
CA GLU B 101 13.18 -19.83 31.39
C GLU B 101 12.09 -18.92 31.96
N THR B 102 11.94 -17.69 31.44
CA THR B 102 10.90 -16.78 31.92
C THR B 102 9.51 -17.35 31.66
N ILE B 103 9.32 -18.00 30.51
CA ILE B 103 8.00 -18.50 30.17
C ILE B 103 7.71 -19.85 30.83
N ASN B 104 8.74 -20.60 31.16
CA ASN B 104 8.49 -21.89 31.77
C ASN B 104 8.12 -21.69 33.22
N ILE B 105 8.72 -20.69 33.86
CA ILE B 105 8.51 -20.47 35.27
C ILE B 105 7.21 -19.73 35.54
N ILE B 106 6.86 -18.80 34.67
CA ILE B 106 5.63 -18.06 34.85
C ILE B 106 4.48 -18.84 34.27
N GLN B 107 4.72 -19.80 33.38
CA GLN B 107 3.68 -20.58 32.71
C GLN B 107 2.45 -19.69 32.39
N PRO B 108 2.64 -18.60 31.67
CA PRO B 108 1.51 -17.76 31.31
C PRO B 108 0.53 -18.48 30.41
N ASP B 109 -0.74 -18.05 30.50
CA ASP B 109 -1.77 -18.49 29.55
C ASP B 109 -1.62 -17.84 28.19
N GLY B 110 -1.07 -16.64 28.10
CA GLY B 110 -0.88 -16.04 26.79
C GLY B 110 -0.05 -14.79 26.84
N ILE B 111 0.20 -14.25 25.65
CA ILE B 111 0.93 -13.00 25.43
C ILE B 111 -0.01 -11.99 24.80
N ILE B 112 -0.01 -10.78 25.32
CA ILE B 112 -0.79 -9.68 24.79
C ILE B 112 0.16 -8.67 24.16
N LEU B 113 -0.11 -8.32 22.90
CA LEU B 113 0.62 -7.26 22.21
C LEU B 113 -0.30 -6.08 22.00
N LEU B 114 0.10 -4.91 22.53
CA LEU B 114 -0.52 -3.63 22.19
C LEU B 114 0.15 -3.07 20.92
N GLU B 115 -0.62 -2.97 19.82
CA GLU B 115 -0.10 -2.41 18.57
C GLU B 115 -0.60 -0.97 18.36
N PHE B 116 0.32 -0.05 18.26
CA PHE B 116 -0.04 1.35 18.18
C PHE B 116 0.19 1.84 16.76
N ASN B 117 -0.48 2.96 16.38
CA ASN B 117 -0.11 3.63 15.13
C ASN B 117 1.25 4.30 15.26
N PRO B 118 2.17 4.09 14.33
CA PRO B 118 3.52 4.68 14.49
C PRO B 118 3.52 6.18 14.60
N ARG B 119 2.56 6.91 14.01
CA ARG B 119 2.58 8.36 14.17
C ARG B 119 2.29 8.76 15.61
N ASP B 120 1.34 8.08 16.25
CA ASP B 120 1.13 8.28 17.67
C ASP B 120 2.38 7.98 18.45
N VAL B 121 3.05 6.89 18.14
CA VAL B 121 4.22 6.54 18.91
C VAL B 121 5.22 7.68 18.82
N ILE B 122 5.41 8.22 17.61
CA ILE B 122 6.36 9.33 17.40
C ILE B 122 5.96 10.56 18.19
N ALA B 123 4.68 10.95 18.10
CA ALA B 123 4.19 12.10 18.84
C ALA B 123 4.39 11.95 20.35
N ARG B 124 3.91 10.83 20.93
CA ARG B 124 4.04 10.61 22.37
C ARG B 124 5.50 10.56 22.82
N ARG B 125 6.37 9.91 22.03
CA ARG B 125 7.75 9.83 22.44
C ARG B 125 8.39 11.21 22.40
N GLU B 126 7.86 12.08 21.57
CA GLU B 126 8.52 13.36 21.40
C GLU B 126 8.00 14.40 22.36
N LYS B 127 6.80 14.19 22.90
CA LYS B 127 6.31 15.11 23.91
C LYS B 127 6.84 14.74 25.28
N ASP B 128 7.20 13.47 25.47
CA ASP B 128 7.83 13.06 26.72
C ASP B 128 9.27 13.53 26.78
N ARG B 129 9.97 13.46 25.65
CA ARG B 129 11.32 14.02 25.60
C ARG B 129 11.33 15.53 25.89
N LEU B 130 10.33 16.26 25.37
CA LEU B 130 10.20 17.69 25.66
C LEU B 130 9.92 17.93 27.13
N ALA B 131 9.07 17.11 27.74
CA ALA B 131 8.93 17.16 29.20
C ALA B 131 10.25 16.86 29.88
N GLY B 132 10.97 15.86 29.41
CA GLY B 132 12.16 15.37 30.06
C GLY B 132 12.08 13.90 30.41
N LYS B 133 12.03 13.04 29.39
CA LYS B 133 11.99 11.59 29.56
C LYS B 133 12.57 10.91 28.33
N ARG B 134 13.43 9.90 28.55
CA ARG B 134 14.09 9.12 27.48
C ARG B 134 14.99 10.01 26.62
N VAL B 135 15.87 10.77 27.28
CA VAL B 135 16.82 11.65 26.59
C VAL B 135 17.81 10.83 25.75
N THR B 136 18.22 11.40 24.60
CA THR B 136 19.15 10.77 23.66
C THR B 136 18.74 9.33 23.31
N ARG B 137 17.45 9.12 23.14
CA ARG B 137 16.92 7.93 22.48
C ARG B 137 16.62 8.31 21.03
N ASP B 138 17.11 7.51 20.10
CA ASP B 138 17.02 7.90 18.70
C ASP B 138 15.57 8.08 18.29
N MET B 139 15.32 9.18 17.59
CA MET B 139 14.03 9.41 16.95
C MET B 139 13.81 8.36 15.86
N GLU B 140 12.86 7.46 16.07
CA GLU B 140 12.60 6.40 15.12
C GLU B 140 11.59 6.87 14.08
N SER B 141 11.72 6.33 12.86
CA SER B 141 10.80 6.59 11.77
C SER B 141 9.52 5.73 11.85
N GLU B 142 8.56 6.04 10.99
CA GLU B 142 7.33 5.27 10.92
C GLU B 142 7.61 3.82 10.58
N THR B 143 8.56 3.56 9.67
CA THR B 143 8.86 2.18 9.26
C THR B 143 9.74 1.44 10.29
N ASP B 144 10.60 2.16 11.03
CA ASP B 144 11.29 1.56 12.15
C ASP B 144 10.28 0.95 13.12
N ILE B 145 9.27 1.74 13.51
CA ILE B 145 8.27 1.31 14.47
C ILE B 145 7.43 0.18 13.89
N LEU B 146 6.98 0.35 12.65
CA LEU B 146 6.33 -0.75 11.97
C LEU B 146 7.21 -2.00 12.04
N LEU B 147 8.51 -1.85 11.76
CA LEU B 147 9.33 -3.06 11.67
C LEU B 147 9.40 -3.70 13.06
N HIS B 148 9.60 -2.87 14.09
CA HIS B 148 9.62 -3.35 15.47
C HIS B 148 8.33 -4.09 15.82
N GLN B 149 7.18 -3.59 15.37
CA GLN B 149 5.92 -4.22 15.80
C GLN B 149 5.70 -5.55 15.11
N GLN B 150 6.15 -5.69 13.86
CA GLN B 150 6.05 -6.98 13.18
C GLN B 150 7.00 -7.99 13.85
N VAL B 151 8.23 -7.57 14.15
CA VAL B 151 9.19 -8.47 14.78
C VAL B 151 8.62 -8.94 16.10
N ASN B 152 7.99 -8.02 16.84
CA ASN B 152 7.33 -8.40 18.08
C ASN B 152 6.29 -9.51 17.85
N ARG B 153 5.46 -9.40 16.78
CA ARG B 153 4.54 -10.49 16.46
C ARG B 153 5.27 -11.82 16.28
N MET B 154 6.41 -11.80 15.56
CA MET B 154 7.11 -13.03 15.28
C MET B 154 7.67 -13.66 16.55
N PHE B 155 8.27 -12.86 17.41
CA PHE B 155 8.78 -13.40 18.65
C PHE B 155 7.64 -14.10 19.40
N ALA B 156 6.47 -13.43 19.49
CA ALA B 156 5.37 -13.96 20.28
C ALA B 156 4.81 -15.27 19.70
N VAL B 157 4.68 -15.37 18.36
CA VAL B 157 4.20 -16.62 17.78
C VAL B 157 5.22 -17.71 18.02
N SER B 158 6.50 -17.37 17.98
CA SER B 158 7.54 -18.37 18.27
C SER B 158 7.37 -18.90 19.68
N TYR B 159 7.20 -18.00 20.65
CA TYR B 159 7.00 -18.44 22.01
C TYR B 159 5.73 -19.24 22.15
N SER B 160 4.70 -18.91 21.35
CA SER B 160 3.47 -19.69 21.35
C SER B 160 3.69 -21.08 20.78
N ALA B 161 4.43 -21.19 19.68
CA ALA B 161 4.63 -22.51 19.07
C ALA B 161 5.37 -23.44 20.03
N ILE B 162 6.33 -22.89 20.78
CA ILE B 162 7.18 -23.59 21.72
C ILE B 162 6.46 -23.99 23.02
N ASN B 163 5.69 -23.06 23.59
CA ASN B 163 5.09 -23.19 24.95
C ASN B 163 3.58 -23.39 24.98
N GLN B 164 2.91 -23.50 23.84
CA GLN B 164 1.44 -23.69 23.72
C GLN B 164 0.65 -22.62 24.49
N CYS B 165 0.86 -21.35 24.22
CA CYS B 165 0.13 -20.25 24.91
C CYS B 165 -0.68 -19.46 23.89
N TYR B 166 -1.58 -18.60 24.34
CA TYR B 166 -2.37 -17.74 23.46
C TYR B 166 -1.53 -16.57 22.95
N VAL B 167 -1.97 -15.98 21.85
CA VAL B 167 -1.32 -14.80 21.28
C VAL B 167 -2.43 -13.84 20.91
N LYS B 168 -2.51 -12.72 21.63
CA LYS B 168 -3.61 -11.77 21.59
C LYS B 168 -3.03 -10.44 21.14
N ILE B 169 -3.54 -9.93 20.02
CA ILE B 169 -3.09 -8.69 19.41
C ILE B 169 -4.20 -7.67 19.53
N ILE B 170 -3.98 -6.60 20.29
CA ILE B 170 -4.97 -5.54 20.48
C ILE B 170 -4.64 -4.37 19.55
N ASP B 171 -5.59 -4.07 18.69
CA ASP B 171 -5.45 -2.98 17.72
C ASP B 171 -5.74 -1.63 18.40
N LEU B 172 -4.71 -0.86 18.66
CA LEU B 172 -4.83 0.54 19.06
C LEU B 172 -4.31 1.51 17.98
N THR B 173 -4.54 1.21 16.70
CA THR B 173 -4.01 2.04 15.62
C THR B 173 -5.04 2.96 14.96
N TRP B 174 -6.24 3.07 15.52
CA TRP B 174 -7.26 3.97 14.97
C TRP B 174 -7.19 5.34 15.64
N PRO B 175 -7.84 6.35 15.03
CA PRO B 175 -7.77 7.70 15.58
C PRO B 175 -8.65 7.86 16.81
N GLN B 176 -8.09 8.50 17.83
CA GLN B 176 -8.81 8.68 19.07
C GLN B 176 -9.86 9.78 19.02
N GLU B 177 -11.04 9.46 19.58
CA GLU B 177 -12.09 10.45 19.79
C GLU B 177 -11.72 11.46 20.88
N TYR B 178 -10.91 11.06 21.85
CA TYR B 178 -10.51 11.96 22.93
C TYR B 178 -9.19 11.44 23.47
N GLU B 179 -8.58 12.19 24.35
CA GLU B 179 -7.25 11.75 24.77
C GLU B 179 -7.36 10.49 25.63
N PHE B 180 -6.28 9.72 25.66
CA PHE B 180 -6.16 8.51 26.48
C PHE B 180 -7.29 7.50 26.24
N GLN B 181 -7.91 7.53 25.05
CA GLN B 181 -8.91 6.53 24.74
C GLN B 181 -8.30 5.21 24.30
N HIS B 182 -7.21 5.26 23.52
CA HIS B 182 -6.47 4.04 23.22
C HIS B 182 -6.22 3.24 24.50
N THR B 183 -5.72 3.91 25.55
CA THR B 183 -5.46 3.16 26.78
C THR B 183 -6.79 2.68 27.38
N GLU B 184 -7.82 3.49 27.30
CA GLU B 184 -9.10 3.05 27.83
C GLU B 184 -9.57 1.75 27.14
N TYR B 185 -9.56 1.72 25.81
CA TYR B 185 -9.98 0.54 25.06
C TYR B 185 -9.08 -0.69 25.32
N ALA B 186 -7.76 -0.48 25.44
CA ALA B 186 -6.89 -1.58 25.80
C ALA B 186 -7.28 -2.16 27.16
N VAL B 187 -7.55 -1.26 28.11
CA VAL B 187 -7.81 -1.64 29.48
C VAL B 187 -9.14 -2.40 29.60
N ASN B 188 -10.13 -2.06 28.77
CA ASN B 188 -11.41 -2.75 28.78
C ASN B 188 -11.30 -4.11 28.12
N LYS B 189 -10.53 -4.21 27.04
CA LYS B 189 -10.38 -5.50 26.37
C LYS B 189 -9.66 -6.50 27.28
N ILE B 190 -8.68 -6.03 28.03
CA ILE B 190 -7.91 -6.91 28.89
C ILE B 190 -8.73 -7.37 30.10
N ILE B 191 -9.63 -6.54 30.60
CA ILE B 191 -10.45 -6.99 31.72
C ILE B 191 -11.53 -7.95 31.23
N GLU B 192 -12.12 -7.66 30.07
CA GLU B 192 -13.01 -8.61 29.43
C GLU B 192 -12.37 -9.99 29.31
N MET B 193 -11.05 -10.04 29.05
CA MET B 193 -10.35 -11.31 28.95
C MET B 193 -10.24 -11.99 30.32
N LEU B 194 -9.91 -11.22 31.36
CA LEU B 194 -9.81 -11.79 32.69
C LEU B 194 -11.17 -12.20 33.25
N ASN B 195 -12.27 -11.65 32.74
CA ASN B 195 -13.60 -11.93 33.31
C ASN B 195 -14.46 -12.88 32.48
N PHE B 196 -13.94 -13.40 31.37
CA PHE B 196 -14.77 -14.06 30.38
C PHE B 196 -15.20 -15.46 30.84
N MET C 1 5.15 -39.36 0.85
CA MET C 1 5.56 -38.37 1.88
C MET C 1 4.38 -38.03 2.80
N ARG C 2 4.66 -37.31 3.89
CA ARG C 2 3.63 -36.84 4.82
C ARG C 2 3.63 -35.32 4.91
N PHE C 3 2.47 -34.73 4.73
CA PHE C 3 2.32 -33.29 4.83
C PHE C 3 1.15 -32.94 5.74
N ILE C 4 1.36 -31.88 6.51
CA ILE C 4 0.32 -31.25 7.31
C ILE C 4 -0.31 -30.18 6.41
N LEU C 5 -1.65 -30.21 6.29
CA LEU C 5 -2.39 -29.31 5.40
C LEU C 5 -3.23 -28.42 6.28
N THR C 6 -3.29 -27.13 5.95
CA THR C 6 -3.67 -26.09 6.88
C THR C 6 -4.27 -24.94 6.11
N GLY C 7 -5.05 -24.13 6.82
CA GLY C 7 -5.62 -22.92 6.27
C GLY C 7 -6.67 -22.36 7.21
N VAL C 8 -7.08 -21.12 6.95
CA VAL C 8 -8.06 -20.49 7.83
C VAL C 8 -9.38 -21.20 7.63
N PRO C 9 -10.22 -21.24 8.65
CA PRO C 9 -11.48 -22.01 8.54
C PRO C 9 -12.55 -21.44 7.61
N GLY C 10 -13.35 -22.33 7.06
CA GLY C 10 -14.51 -21.91 6.32
C GLY C 10 -14.25 -21.50 4.90
N ALA C 11 -13.09 -21.83 4.36
CA ALA C 11 -12.55 -21.24 3.14
C ALA C 11 -12.41 -22.21 1.99
N GLY C 12 -12.36 -23.52 2.26
CA GLY C 12 -12.29 -24.53 1.24
C GLY C 12 -11.28 -25.63 1.52
N LYS C 13 -10.66 -25.62 2.69
CA LYS C 13 -9.70 -26.67 2.97
C LYS C 13 -10.39 -28.04 2.98
N THR C 14 -11.65 -28.11 3.41
CA THR C 14 -12.32 -29.39 3.48
C THR C 14 -12.63 -29.92 2.08
N THR C 15 -13.07 -29.06 1.17
CA THR C 15 -13.21 -29.42 -0.24
C THR C 15 -11.88 -29.92 -0.86
N VAL C 16 -10.76 -29.26 -0.57
CA VAL C 16 -9.46 -29.75 -1.03
C VAL C 16 -9.18 -31.15 -0.47
N CYS C 17 -9.33 -31.35 0.84
CA CYS C 17 -9.07 -32.67 1.42
C CYS C 17 -9.95 -33.76 0.79
N ASN C 18 -11.21 -33.46 0.53
CA ASN C 18 -12.10 -34.45 -0.07
C ASN C 18 -11.67 -34.77 -1.52
N LYS C 19 -11.37 -33.76 -2.33
CA LYS C 19 -10.95 -34.07 -3.69
C LYS C 19 -9.60 -34.80 -3.71
N LEU C 20 -8.76 -34.71 -2.67
CA LEU C 20 -7.58 -35.57 -2.63
C LEU C 20 -8.00 -37.01 -2.37
N ALA C 21 -8.85 -37.21 -1.36
CA ALA C 21 -9.36 -38.54 -1.06
C ALA C 21 -10.06 -39.14 -2.27
N GLU C 22 -10.59 -38.28 -3.15
CA GLU C 22 -11.19 -38.73 -4.40
C GLU C 22 -10.15 -39.09 -5.45
N LYS C 23 -9.08 -38.30 -5.60
CA LYS C 23 -8.24 -38.33 -6.80
C LYS C 23 -6.86 -38.94 -6.57
N MET C 24 -6.52 -39.37 -5.36
CA MET C 24 -5.21 -39.99 -5.12
C MET C 24 -5.33 -41.06 -4.05
N SER C 25 -5.28 -42.32 -4.47
CA SER C 25 -5.13 -43.45 -3.56
C SER C 25 -3.68 -43.59 -3.14
N ASN C 26 -3.38 -44.59 -2.34
CA ASN C 26 -2.07 -44.64 -1.71
C ASN C 26 -1.88 -43.40 -0.83
N LEU C 27 -3.00 -42.89 -0.33
CA LEU C 27 -3.02 -41.66 0.43
C LEU C 27 -4.15 -41.68 1.45
N SER C 28 -3.79 -41.42 2.70
CA SER C 28 -4.75 -41.28 3.80
C SER C 28 -4.91 -39.79 4.13
N VAL C 29 -6.14 -39.30 4.01
CA VAL C 29 -6.51 -37.97 4.48
C VAL C 29 -7.16 -38.16 5.85
N VAL C 30 -6.61 -37.48 6.86
CA VAL C 30 -7.03 -37.59 8.25
C VAL C 30 -7.31 -36.21 8.82
N ASN C 31 -8.50 -36.01 9.37
CA ASN C 31 -8.84 -34.75 10.01
C ASN C 31 -8.34 -34.80 11.44
N TYR C 32 -7.31 -34.02 11.78
CA TYR C 32 -6.71 -34.13 13.12
C TYR C 32 -7.71 -33.78 14.21
N GLY C 33 -8.62 -32.83 13.92
CA GLY C 33 -9.60 -32.41 14.92
C GLY C 33 -10.61 -33.50 15.26
N ASP C 34 -11.13 -34.19 14.24
CA ASP C 34 -12.05 -35.30 14.47
C ASP C 34 -11.38 -36.36 15.32
N VAL C 35 -10.13 -36.71 15.00
CA VAL C 35 -9.44 -37.77 15.75
C VAL C 35 -9.33 -37.38 17.20
N ILE C 36 -8.99 -36.10 17.44
CA ILE C 36 -8.80 -35.58 18.80
C ILE C 36 -10.11 -35.55 19.57
N PHE C 37 -11.15 -34.98 18.96
CA PHE C 37 -12.47 -34.96 19.59
C PHE C 37 -12.97 -36.37 19.93
N GLU C 38 -12.83 -37.33 19.00
CA GLU C 38 -13.24 -38.71 19.29
C GLU C 38 -12.48 -39.26 20.49
N GLU C 39 -11.16 -39.09 20.49
CA GLU C 39 -10.36 -39.62 21.59
C GLU C 39 -10.72 -38.93 22.90
N ALA C 40 -11.30 -37.73 22.86
CA ALA C 40 -11.69 -37.04 24.07
C ALA C 40 -12.98 -37.59 24.65
N LYS C 41 -13.89 -38.07 23.78
CA LYS C 41 -15.13 -38.66 24.24
C LYS C 41 -14.92 -40.06 24.81
N LYS C 42 -13.77 -40.68 24.51
CA LYS C 42 -13.43 -41.97 25.09
C LYS C 42 -12.91 -41.80 26.51
N LEU C 43 -11.93 -40.91 26.71
CA LEU C 43 -11.26 -40.78 28.01
C LEU C 43 -12.13 -40.02 29.01
N TYR C 44 -12.69 -38.88 28.63
CA TYR C 44 -13.52 -38.07 29.50
C TYR C 44 -14.91 -37.94 28.88
N PRO C 45 -15.72 -39.01 28.95
CA PRO C 45 -17.09 -38.91 28.41
C PRO C 45 -17.87 -37.73 28.99
N SER C 46 -17.80 -37.56 30.31
CA SER C 46 -18.62 -36.57 30.99
C SER C 46 -18.31 -35.14 30.54
N ILE C 47 -17.02 -34.75 30.59
CA ILE C 47 -16.67 -33.34 30.50
C ILE C 47 -16.83 -32.82 29.08
N ILE C 48 -16.58 -33.67 28.09
CA ILE C 48 -16.53 -33.25 26.70
C ILE C 48 -17.79 -33.74 26.00
N GLN C 49 -18.59 -32.81 25.51
CA GLN C 49 -19.48 -33.14 24.41
C GLN C 49 -19.56 -32.05 23.36
N VAL C 50 -18.88 -30.92 23.57
CA VAL C 50 -18.70 -29.92 22.53
C VAL C 50 -17.22 -29.91 22.18
N ARG C 51 -16.92 -30.03 20.88
CA ARG C 51 -15.55 -29.86 20.43
C ARG C 51 -14.90 -28.62 21.04
N GLU C 52 -15.72 -27.63 21.42
CA GLU C 52 -15.22 -26.43 22.10
C GLU C 52 -14.72 -26.75 23.52
N ASP C 53 -15.26 -27.82 24.16
CA ASP C 53 -14.88 -28.24 25.52
C ASP C 53 -13.56 -28.92 25.60
N THR C 54 -12.72 -28.91 24.56
CA THR C 54 -11.45 -29.61 24.66
C THR C 54 -10.46 -28.89 25.56
N ARG C 55 -10.62 -27.58 25.76
CA ARG C 55 -9.71 -26.83 26.61
C ARG C 55 -10.31 -26.47 27.96
N LYS C 56 -11.57 -26.81 28.22
CA LYS C 56 -11.99 -26.98 29.61
C LYS C 56 -11.05 -27.96 30.32
N LEU C 57 -10.42 -28.83 29.54
CA LEU C 57 -9.51 -29.82 30.08
C LEU C 57 -8.25 -29.18 30.63
N PRO C 58 -7.75 -29.65 31.77
CA PRO C 58 -6.44 -29.18 32.23
C PRO C 58 -5.40 -29.41 31.16
N ARG C 59 -4.39 -28.56 31.15
CA ARG C 59 -3.36 -28.64 30.12
C ARG C 59 -2.82 -30.07 30.00
N ALA C 60 -2.43 -30.69 31.12
CA ALA C 60 -1.79 -32.00 31.04
C ALA C 60 -2.71 -33.05 30.41
N ASP C 61 -4.03 -32.91 30.63
CA ASP C 61 -5.00 -33.83 30.05
C ASP C 61 -5.20 -33.56 28.57
N TYR C 62 -5.26 -32.29 28.19
CA TYR C 62 -5.40 -31.91 26.79
C TYR C 62 -4.14 -32.25 26.00
N ARG C 63 -2.95 -32.12 26.60
CA ARG C 63 -1.73 -32.57 25.95
C ARG C 63 -1.83 -34.03 25.61
N ASN C 64 -2.16 -34.83 26.62
CA ASN C 64 -2.06 -36.27 26.51
C ASN C 64 -2.95 -36.80 25.40
N ILE C 65 -4.12 -36.20 25.21
CA ILE C 65 -4.99 -36.66 24.14
C ILE C 65 -4.36 -36.39 22.78
N GLN C 66 -3.77 -35.20 22.60
CA GLN C 66 -3.18 -34.85 21.31
C GLN C 66 -1.96 -35.69 21.03
N ILE C 67 -1.24 -36.10 22.07
CA ILE C 67 -0.19 -37.10 21.89
C ILE C 67 -0.78 -38.39 21.34
N GLU C 68 -1.76 -38.94 22.05
CA GLU C 68 -2.37 -40.21 21.62
C GLU C 68 -2.98 -40.07 20.23
N ALA C 69 -3.79 -39.03 20.01
CA ALA C 69 -4.34 -38.80 18.68
C ALA C 69 -3.26 -38.77 17.61
N ALA C 70 -2.06 -38.30 17.96
CA ALA C 70 -0.97 -38.28 17.00
C ALA C 70 -0.41 -39.68 16.79
N LYS C 71 -0.32 -40.48 17.85
CA LYS C 71 0.27 -41.81 17.75
C LYS C 71 -0.46 -42.66 16.72
N LYS C 72 -1.80 -42.66 16.74
CA LYS C 72 -2.59 -43.44 15.79
C LYS C 72 -2.26 -43.06 14.35
N ILE C 73 -2.36 -41.76 14.04
CA ILE C 73 -1.92 -41.23 12.75
C ILE C 73 -0.50 -41.70 12.45
N SER C 74 0.40 -41.55 13.43
CA SER C 74 1.80 -41.89 13.23
C SER C 74 2.00 -43.32 12.73
N LEU C 75 1.06 -44.22 13.05
CA LEU C 75 1.14 -45.62 12.66
C LEU C 75 0.76 -45.86 11.20
N ILE C 76 0.33 -44.85 10.45
CA ILE C 76 -0.16 -44.99 9.04
C ILE C 76 1.04 -45.13 8.09
N THR C 77 0.90 -45.73 6.91
CA THR C 77 1.99 -45.95 5.92
C THR C 77 1.56 -45.37 4.56
N ASP C 78 2.52 -45.16 3.67
CA ASP C 78 2.42 -44.60 2.29
C ASP C 78 2.22 -43.08 2.44
N ASN C 79 1.73 -42.36 1.44
CA ASN C 79 1.48 -40.91 1.57
C ASN C 79 0.41 -40.62 2.62
N LEU C 80 0.49 -39.50 3.29
CA LEU C 80 -0.56 -39.14 4.25
C LEU C 80 -0.70 -37.62 4.36
N ILE C 81 -1.92 -37.07 4.22
CA ILE C 81 -2.26 -35.68 4.50
C ILE C 81 -3.02 -35.58 5.84
N VAL C 82 -2.52 -34.76 6.77
CA VAL C 82 -3.18 -34.54 8.07
C VAL C 82 -3.86 -33.16 8.03
N ASP C 83 -5.16 -33.15 7.87
CA ASP C 83 -5.91 -31.90 7.79
C ASP C 83 -6.03 -31.28 9.17
N THR C 84 -5.61 -30.03 9.31
CA THR C 84 -5.74 -29.41 10.61
C THR C 84 -5.61 -27.89 10.43
N HIS C 85 -5.28 -27.21 11.53
CA HIS C 85 -5.21 -25.75 11.57
C HIS C 85 -3.93 -25.34 12.29
N MET C 86 -3.19 -24.38 11.74
CA MET C 86 -2.08 -23.83 12.49
C MET C 86 -2.56 -23.13 13.76
N SER C 87 -3.65 -22.35 13.66
CA SER C 87 -4.14 -21.65 14.84
C SER C 87 -5.64 -21.49 14.69
N LEU C 88 -6.26 -21.21 15.83
CA LEU C 88 -7.63 -20.80 15.88
C LEU C 88 -7.74 -19.58 16.75
N LYS C 89 -8.65 -18.69 16.35
CA LYS C 89 -8.94 -17.47 17.08
C LYS C 89 -9.87 -17.79 18.26
N THR C 90 -9.53 -17.28 19.44
CA THR C 90 -10.36 -17.38 20.63
C THR C 90 -10.45 -16.01 21.30
N PRO C 91 -11.28 -15.89 22.34
CA PRO C 91 -11.39 -14.59 23.03
C PRO C 91 -10.12 -14.17 23.72
N TYR C 92 -9.27 -15.12 24.14
CA TYR C 92 -7.90 -14.88 24.61
C TYR C 92 -6.88 -14.72 23.48
N GLY C 93 -7.28 -14.86 22.21
CA GLY C 93 -6.31 -14.72 21.13
C GLY C 93 -6.09 -15.96 20.27
N PHE C 94 -5.01 -15.97 19.49
CA PHE C 94 -4.66 -17.09 18.64
C PHE C 94 -4.09 -18.23 19.45
N TYR C 95 -4.52 -19.45 19.17
CA TYR C 95 -3.98 -20.61 19.88
C TYR C 95 -3.53 -21.67 18.87
N PRO C 96 -2.40 -22.33 19.11
CA PRO C 96 -1.91 -23.31 18.13
C PRO C 96 -2.71 -24.61 18.13
N GLY C 97 -2.92 -25.18 16.92
CA GLY C 97 -3.62 -26.45 16.82
C GLY C 97 -2.75 -27.67 17.04
N LEU C 98 -1.46 -27.56 16.77
CA LEU C 98 -0.49 -28.59 17.04
C LEU C 98 0.22 -28.23 18.34
N ILE C 99 0.83 -29.24 18.93
CA ILE C 99 1.68 -29.07 20.09
C ILE C 99 3.07 -29.48 19.63
N PRO C 100 4.12 -29.21 20.40
CA PRO C 100 5.47 -29.58 19.96
C PRO C 100 5.63 -31.05 19.60
N GLU C 101 5.03 -31.95 20.40
CA GLU C 101 5.21 -33.38 20.20
C GLU C 101 4.47 -33.87 18.97
N THR C 102 3.38 -33.21 18.59
CA THR C 102 2.61 -33.66 17.45
C THR C 102 3.48 -33.79 16.21
N ILE C 103 4.37 -32.83 16.00
CA ILE C 103 5.20 -32.85 14.80
C ILE C 103 6.16 -34.03 14.81
N ASN C 104 6.82 -34.31 15.94
CA ASN C 104 7.77 -35.42 16.00
C ASN C 104 7.08 -36.78 15.90
N ILE C 105 6.02 -37.00 16.67
CA ILE C 105 5.30 -38.26 16.56
C ILE C 105 4.94 -38.54 15.10
N ILE C 106 4.45 -37.53 14.38
CA ILE C 106 3.95 -37.75 13.04
C ILE C 106 5.04 -37.64 11.98
N GLN C 107 6.20 -37.07 12.31
CA GLN C 107 7.32 -36.86 11.40
C GLN C 107 6.86 -36.44 10.00
N PRO C 108 6.28 -35.25 9.84
CA PRO C 108 5.85 -34.82 8.50
C PRO C 108 7.00 -34.20 7.72
N ASP C 109 6.92 -34.29 6.39
CA ASP C 109 7.98 -33.72 5.57
C ASP C 109 7.84 -32.21 5.48
N GLY C 110 6.60 -31.73 5.45
CA GLY C 110 6.34 -30.30 5.33
C GLY C 110 4.97 -29.92 5.82
N ILE C 111 4.75 -28.62 5.87
CA ILE C 111 3.46 -28.01 6.19
C ILE C 111 2.99 -27.32 4.92
N ILE C 112 1.68 -27.42 4.64
CA ILE C 112 1.05 -26.76 3.49
C ILE C 112 0.06 -25.72 4.00
N LEU C 113 0.21 -24.49 3.55
CA LEU C 113 -0.67 -23.41 3.94
C LEU C 113 -1.47 -23.02 2.72
N LEU C 114 -2.77 -23.16 2.82
CA LEU C 114 -3.68 -22.76 1.75
C LEU C 114 -4.10 -21.33 2.05
N GLU C 115 -3.68 -20.41 1.19
CA GLU C 115 -3.91 -18.99 1.45
C GLU C 115 -4.93 -18.44 0.46
N PHE C 116 -5.96 -17.79 0.96
CA PHE C 116 -7.08 -17.31 0.18
C PHE C 116 -7.12 -15.80 0.24
N ASN C 117 -7.82 -15.23 -0.73
CA ASN C 117 -8.27 -13.85 -0.61
C ASN C 117 -9.30 -13.75 0.50
N PRO C 118 -9.11 -12.84 1.47
CA PRO C 118 -10.11 -12.68 2.54
C PRO C 118 -11.53 -12.37 2.06
N ARG C 119 -11.67 -11.74 0.87
CA ARG C 119 -13.00 -11.44 0.33
C ARG C 119 -13.71 -12.71 -0.09
N ASP C 120 -12.99 -13.65 -0.71
CA ASP C 120 -13.55 -14.97 -1.01
C ASP C 120 -13.88 -15.73 0.27
N VAL C 121 -13.19 -15.46 1.37
CA VAL C 121 -13.44 -16.15 2.63
C VAL C 121 -14.72 -15.65 3.27
N ILE C 122 -14.88 -14.33 3.34
CA ILE C 122 -16.11 -13.77 3.88
C ILE C 122 -17.30 -14.34 3.12
N ALA C 123 -17.23 -14.27 1.79
CA ALA C 123 -18.31 -14.72 0.93
C ALA C 123 -18.59 -16.20 1.14
N ARG C 124 -17.53 -17.00 1.23
CA ARG C 124 -17.69 -18.44 1.38
C ARG C 124 -18.26 -18.78 2.74
N ARG C 125 -17.73 -18.16 3.81
CA ARG C 125 -18.23 -18.44 5.16
C ARG C 125 -19.71 -18.14 5.24
N GLU C 126 -20.15 -17.04 4.62
CA GLU C 126 -21.54 -16.60 4.69
C GLU C 126 -22.44 -17.43 3.81
N LYS C 127 -21.90 -17.92 2.69
CA LYS C 127 -22.64 -18.85 1.86
C LYS C 127 -22.97 -20.10 2.66
N ASP C 128 -21.93 -20.76 3.17
CA ASP C 128 -22.13 -21.92 4.03
C ASP C 128 -23.13 -21.62 5.14
N ARG C 129 -22.89 -20.55 5.91
CA ARG C 129 -23.74 -20.25 7.05
C ARG C 129 -25.21 -20.18 6.65
N LEU C 130 -25.49 -19.70 5.43
CA LEU C 130 -26.86 -19.58 4.94
C LEU C 130 -27.48 -20.95 4.70
N ALA C 131 -26.67 -21.99 4.48
CA ALA C 131 -27.16 -23.35 4.26
C ALA C 131 -26.97 -24.25 5.49
N GLY C 132 -26.71 -23.67 6.66
CA GLY C 132 -26.78 -24.37 7.93
C GLY C 132 -25.47 -24.64 8.63
N LYS C 133 -24.34 -24.29 8.03
CA LYS C 133 -23.03 -24.75 8.49
C LYS C 133 -22.28 -23.70 9.35
N MET C 139 -18.54 -12.65 10.91
CA MET C 139 -17.98 -12.19 12.15
C MET C 139 -16.51 -11.76 12.13
N GLU C 140 -15.84 -11.92 10.97
CA GLU C 140 -14.46 -11.46 10.80
C GLU C 140 -14.38 -10.61 9.54
N SER C 141 -13.59 -9.53 9.62
CA SER C 141 -13.36 -8.63 8.52
C SER C 141 -12.18 -9.11 7.68
N GLU C 142 -11.95 -8.47 6.55
CA GLU C 142 -10.82 -8.93 5.75
C GLU C 142 -9.51 -8.64 6.46
N THR C 143 -9.47 -7.62 7.32
CA THR C 143 -8.28 -7.38 8.13
C THR C 143 -8.04 -8.50 9.16
N ASP C 144 -9.10 -8.93 9.89
CA ASP C 144 -8.96 -10.04 10.83
C ASP C 144 -8.41 -11.28 10.14
N ILE C 145 -8.83 -11.49 8.90
CA ILE C 145 -8.46 -12.69 8.16
C ILE C 145 -7.03 -12.58 7.67
N LEU C 146 -6.63 -11.39 7.20
CA LEU C 146 -5.23 -11.13 6.85
C LEU C 146 -4.31 -11.45 8.02
N LEU C 147 -4.67 -10.96 9.19
CA LEU C 147 -3.87 -11.19 10.38
C LEU C 147 -3.78 -12.67 10.67
N HIS C 148 -4.89 -13.36 10.56
CA HIS C 148 -4.88 -14.78 10.85
C HIS C 148 -3.93 -15.50 9.89
N GLN C 149 -3.97 -15.16 8.59
CA GLN C 149 -3.12 -15.90 7.65
C GLN C 149 -1.66 -15.58 7.88
N GLN C 150 -1.36 -14.38 8.33
CA GLN C 150 0.02 -14.06 8.65
C GLN C 150 0.47 -14.79 9.91
N VAL C 151 -0.40 -14.96 10.91
CA VAL C 151 -0.05 -15.74 12.10
C VAL C 151 0.22 -17.20 11.73
N ASN C 152 -0.66 -17.81 10.92
CA ASN C 152 -0.42 -19.19 10.51
C ASN C 152 0.93 -19.33 9.80
N ARG C 153 1.23 -18.35 8.96
CA ARG C 153 2.52 -18.32 8.31
C ARG C 153 3.66 -18.26 9.33
N MET C 154 3.48 -17.49 10.40
CA MET C 154 4.52 -17.45 11.42
C MET C 154 4.58 -18.72 12.25
N PHE C 155 3.44 -19.37 12.51
CA PHE C 155 3.49 -20.66 13.19
C PHE C 155 4.24 -21.68 12.35
N ALA C 156 3.89 -21.75 11.05
CA ALA C 156 4.55 -22.69 10.12
C ALA C 156 6.04 -22.52 10.13
N VAL C 157 6.50 -21.26 10.07
CA VAL C 157 7.91 -21.05 9.94
C VAL C 157 8.59 -21.39 11.24
N SER C 158 7.93 -21.14 12.38
CA SER C 158 8.49 -21.59 13.66
C SER C 158 8.57 -23.11 13.72
N TYR C 159 7.50 -23.80 13.31
CA TYR C 159 7.56 -25.27 13.37
C TYR C 159 8.67 -25.76 12.45
N SER C 160 8.95 -25.04 11.36
CA SER C 160 10.02 -25.49 10.48
C SER C 160 11.41 -25.24 11.08
N ALA C 161 11.62 -24.11 11.74
CA ALA C 161 12.93 -23.85 12.33
C ALA C 161 13.21 -24.90 13.38
N ILE C 162 12.16 -25.34 14.07
CA ILE C 162 12.26 -26.29 15.22
C ILE C 162 12.44 -27.73 14.76
N ASN C 163 11.69 -28.21 13.78
CA ASN C 163 11.74 -29.63 13.37
C ASN C 163 12.36 -29.85 11.99
N GLN C 164 12.86 -28.81 11.33
CA GLN C 164 13.51 -28.90 9.99
C GLN C 164 12.60 -29.58 8.96
N CYS C 165 11.47 -28.95 8.62
CA CYS C 165 10.50 -29.43 7.62
C CYS C 165 10.25 -28.35 6.58
N TYR C 166 9.61 -28.69 5.47
CA TYR C 166 9.30 -27.75 4.39
C TYR C 166 8.07 -26.89 4.75
N VAL C 167 7.99 -25.70 4.19
CA VAL C 167 6.89 -24.77 4.35
C VAL C 167 6.38 -24.35 2.99
N LYS C 168 5.26 -24.93 2.54
CA LYS C 168 4.69 -24.70 1.22
C LYS C 168 3.49 -23.76 1.35
N ILE C 169 3.58 -22.61 0.72
CA ILE C 169 2.49 -21.67 0.66
C ILE C 169 1.86 -21.79 -0.71
N ILE C 170 0.59 -22.18 -0.77
CA ILE C 170 -0.15 -22.27 -2.01
C ILE C 170 -1.01 -21.01 -2.11
N ASP C 171 -0.71 -20.18 -3.10
CA ASP C 171 -1.37 -18.90 -3.29
C ASP C 171 -2.68 -19.10 -4.02
N LEU C 172 -3.79 -18.91 -3.33
CA LEU C 172 -5.13 -19.03 -3.89
C LEU C 172 -5.87 -17.70 -3.87
N THR C 173 -5.16 -16.57 -3.94
CA THR C 173 -5.78 -15.26 -3.72
C THR C 173 -6.23 -14.55 -5.00
N TRP C 174 -5.93 -15.12 -6.16
CA TRP C 174 -6.34 -14.61 -7.45
C TRP C 174 -7.80 -14.89 -7.70
N PRO C 175 -8.44 -14.10 -8.57
CA PRO C 175 -9.86 -14.34 -8.87
C PRO C 175 -10.02 -15.57 -9.76
N GLN C 176 -11.11 -16.30 -9.51
CA GLN C 176 -11.42 -17.51 -10.27
C GLN C 176 -12.03 -17.17 -11.63
N GLU C 177 -11.64 -17.95 -12.63
CA GLU C 177 -12.21 -17.83 -13.97
C GLU C 177 -13.47 -18.66 -14.14
N TYR C 178 -13.60 -19.72 -13.34
CA TYR C 178 -14.81 -20.52 -13.19
C TYR C 178 -14.86 -21.07 -11.78
N GLU C 179 -16.07 -21.38 -11.33
CA GLU C 179 -16.25 -21.80 -9.95
C GLU C 179 -15.39 -23.03 -9.65
N PHE C 180 -14.94 -23.12 -8.39
CA PHE C 180 -14.09 -24.20 -7.88
C PHE C 180 -12.72 -24.30 -8.57
N GLN C 181 -12.26 -23.25 -9.26
CA GLN C 181 -10.92 -23.24 -9.85
C GLN C 181 -9.85 -23.33 -8.75
N HIS C 182 -9.96 -22.47 -7.73
CA HIS C 182 -9.02 -22.53 -6.61
C HIS C 182 -8.79 -23.96 -6.19
N THR C 183 -9.87 -24.70 -6.01
CA THR C 183 -9.77 -26.05 -5.44
C THR C 183 -9.00 -26.99 -6.37
N GLU C 184 -9.35 -26.99 -7.65
CA GLU C 184 -8.55 -27.72 -8.65
C GLU C 184 -7.07 -27.40 -8.46
N TYR C 185 -6.75 -26.10 -8.52
CA TYR C 185 -5.36 -25.67 -8.52
C TYR C 185 -4.64 -26.21 -7.29
N ALA C 186 -5.25 -26.04 -6.11
CA ALA C 186 -4.69 -26.58 -4.87
C ALA C 186 -4.48 -28.10 -4.92
N VAL C 187 -5.45 -28.83 -5.44
CA VAL C 187 -5.30 -30.29 -5.48
C VAL C 187 -4.21 -30.70 -6.47
N ASN C 188 -4.15 -30.03 -7.62
CA ASN C 188 -3.11 -30.35 -8.56
C ASN C 188 -1.75 -30.02 -7.97
N LYS C 189 -1.62 -28.87 -7.29
CA LYS C 189 -0.31 -28.54 -6.74
C LYS C 189 0.10 -29.58 -5.72
N ILE C 190 -0.85 -30.05 -4.91
CA ILE C 190 -0.51 -31.00 -3.85
C ILE C 190 -0.20 -32.37 -4.44
N ILE C 191 -0.95 -32.79 -5.46
CA ILE C 191 -0.69 -34.10 -6.05
C ILE C 191 0.68 -34.12 -6.72
N GLU C 192 1.03 -33.01 -7.37
CA GLU C 192 2.32 -32.84 -8.01
C GLU C 192 3.46 -32.88 -7.01
N MET C 193 3.21 -32.39 -5.80
CA MET C 193 4.19 -32.45 -4.72
C MET C 193 4.39 -33.89 -4.24
N LEU C 194 3.31 -34.65 -4.16
CA LEU C 194 3.36 -36.03 -3.66
C LEU C 194 4.05 -36.99 -4.63
N ASN C 195 4.10 -36.64 -5.92
CA ASN C 195 4.59 -37.54 -6.96
C ASN C 195 6.04 -37.27 -7.34
N PHE C 196 6.37 -36.03 -7.71
CA PHE C 196 7.76 -35.59 -7.84
C PHE C 196 8.79 -36.56 -7.23
N MET D 1 -2.62 10.59 -38.89
CA MET D 1 -2.98 10.87 -37.47
C MET D 1 -1.94 11.74 -36.77
N ARG D 2 -2.39 12.41 -35.71
CA ARG D 2 -1.59 13.38 -34.97
C ARG D 2 -1.71 13.08 -33.48
N PHE D 3 -0.58 12.78 -32.85
CA PHE D 3 -0.53 12.53 -31.42
C PHE D 3 0.50 13.39 -30.72
N ILE D 4 0.15 13.80 -29.51
CA ILE D 4 1.06 14.43 -28.59
C ILE D 4 1.61 13.37 -27.63
N LEU D 5 2.94 13.23 -27.62
CA LEU D 5 3.66 12.21 -26.87
C LEU D 5 4.36 12.84 -25.67
N THR D 6 4.04 12.39 -24.48
CA THR D 6 4.57 12.98 -23.26
C THR D 6 5.09 11.91 -22.30
N GLY D 7 5.74 12.39 -21.24
CA GLY D 7 6.28 11.56 -20.19
C GLY D 7 7.24 12.38 -19.34
N VAL D 8 7.48 11.94 -18.12
CA VAL D 8 8.34 12.72 -17.23
C VAL D 8 9.72 12.80 -17.87
N PRO D 9 10.50 13.81 -17.55
CA PRO D 9 11.78 14.01 -18.24
C PRO D 9 12.85 13.07 -17.73
N GLY D 10 13.77 12.71 -18.65
CA GLY D 10 14.95 11.90 -18.40
C GLY D 10 14.74 10.41 -18.32
N ALA D 11 13.61 9.91 -18.82
CA ALA D 11 13.27 8.51 -18.63
C ALA D 11 13.32 7.68 -19.90
N GLY D 12 13.36 8.30 -21.07
CA GLY D 12 13.40 7.53 -22.29
C GLY D 12 12.49 8.01 -23.40
N LYS D 13 11.83 9.14 -23.23
CA LYS D 13 10.88 9.60 -24.24
C LYS D 13 11.60 10.13 -25.48
N THR D 14 12.71 10.84 -25.30
CA THR D 14 13.45 11.30 -26.47
C THR D 14 14.03 10.13 -27.26
N THR D 15 14.45 9.07 -26.57
CA THR D 15 14.89 7.89 -27.30
C THR D 15 13.74 7.31 -28.11
N VAL D 16 12.55 7.25 -27.52
CA VAL D 16 11.41 6.71 -28.25
C VAL D 16 11.12 7.55 -29.47
N CYS D 17 11.27 8.85 -29.36
CA CYS D 17 10.99 9.77 -30.47
C CYS D 17 12.02 9.62 -31.58
N ASN D 18 13.25 9.25 -31.26
CA ASN D 18 14.30 9.15 -32.26
C ASN D 18 14.15 7.87 -33.06
N LYS D 19 13.79 6.78 -32.41
CA LYS D 19 13.46 5.57 -33.15
C LYS D 19 12.27 5.82 -34.09
N LEU D 20 11.21 6.46 -33.59
CA LEU D 20 10.02 6.68 -34.41
C LEU D 20 10.36 7.50 -35.64
N ALA D 21 11.12 8.57 -35.44
CA ALA D 21 11.40 9.49 -36.53
C ALA D 21 12.27 8.86 -37.60
N GLU D 22 12.99 7.77 -37.31
CA GLU D 22 13.78 7.14 -38.37
C GLU D 22 13.08 5.96 -39.00
N LYS D 23 12.13 5.32 -38.31
CA LYS D 23 11.50 4.12 -38.81
C LYS D 23 10.20 4.37 -39.60
N MET D 24 9.57 5.53 -39.45
CA MET D 24 8.21 5.75 -39.94
C MET D 24 8.22 6.67 -41.14
N SER D 25 7.56 6.22 -42.22
CA SER D 25 7.27 7.07 -43.36
C SER D 25 6.04 7.93 -43.09
N ASN D 26 5.88 8.98 -43.89
CA ASN D 26 4.67 9.80 -43.85
C ASN D 26 4.39 10.19 -42.40
N LEU D 27 5.41 10.76 -41.76
CA LEU D 27 5.35 11.15 -40.35
C LEU D 27 6.48 12.13 -40.02
N SER D 28 6.13 13.30 -39.48
CA SER D 28 7.10 14.13 -38.78
C SER D 28 7.05 13.85 -37.28
N VAL D 29 8.23 13.61 -36.69
CA VAL D 29 8.40 13.70 -35.24
C VAL D 29 9.06 15.04 -34.96
N VAL D 30 8.31 15.97 -34.37
CA VAL D 30 8.81 17.32 -34.06
C VAL D 30 8.73 17.52 -32.56
N ASN D 31 9.71 18.21 -32.00
CA ASN D 31 9.74 18.51 -30.58
C ASN D 31 9.25 19.95 -30.37
N TYR D 32 8.26 20.12 -29.48
CA TYR D 32 7.64 21.42 -29.30
C TYR D 32 8.63 22.43 -28.77
N GLY D 33 9.38 22.06 -27.73
CA GLY D 33 10.33 22.99 -27.14
C GLY D 33 11.34 23.49 -28.14
N ASP D 34 11.79 22.62 -29.04
CA ASP D 34 12.74 23.04 -30.08
C ASP D 34 12.13 24.11 -30.97
N VAL D 35 10.86 23.97 -31.34
CA VAL D 35 10.27 24.91 -32.26
C VAL D 35 9.99 26.20 -31.53
N ILE D 36 9.83 26.12 -30.22
CA ILE D 36 9.66 27.32 -29.41
C ILE D 36 10.98 28.06 -29.29
N PHE D 37 12.09 27.34 -29.10
CA PHE D 37 13.39 27.97 -29.05
C PHE D 37 13.74 28.61 -30.37
N GLU D 38 13.46 27.92 -31.47
CA GLU D 38 13.62 28.52 -32.80
C GLU D 38 12.79 29.78 -32.94
N GLU D 39 11.46 29.68 -32.81
CA GLU D 39 10.62 30.86 -32.96
C GLU D 39 11.08 31.97 -32.03
N ALA D 40 11.44 31.61 -30.79
CA ALA D 40 11.87 32.62 -29.83
C ALA D 40 13.02 33.45 -30.40
N LYS D 41 13.96 32.81 -31.12
CA LYS D 41 15.10 33.53 -31.66
C LYS D 41 14.72 34.39 -32.86
N LYS D 42 13.93 33.87 -33.80
CA LYS D 42 13.53 34.70 -34.94
C LYS D 42 12.83 35.99 -34.51
N LEU D 43 12.26 36.04 -33.30
CA LEU D 43 11.57 37.24 -32.84
C LEU D 43 12.36 38.04 -31.81
N TYR D 44 13.17 37.41 -30.98
CA TYR D 44 13.90 38.11 -29.92
C TYR D 44 15.36 37.68 -29.93
N PRO D 45 16.05 37.90 -31.05
CA PRO D 45 17.46 37.50 -31.15
C PRO D 45 18.35 38.10 -30.06
N SER D 46 17.91 39.17 -29.41
CA SER D 46 18.66 39.74 -28.29
C SER D 46 18.52 38.91 -27.02
N ILE D 47 17.31 38.88 -26.46
CA ILE D 47 17.12 38.18 -25.19
C ILE D 47 17.57 36.72 -25.33
N ILE D 48 17.26 36.08 -26.45
CA ILE D 48 17.25 34.62 -26.52
C ILE D 48 18.39 34.14 -27.39
N GLN D 49 19.35 33.46 -26.74
CA GLN D 49 20.39 32.71 -27.44
C GLN D 49 20.61 31.34 -26.83
N VAL D 50 19.85 30.98 -25.81
CA VAL D 50 20.00 29.71 -25.12
C VAL D 50 18.61 29.27 -24.68
N ARG D 51 18.28 27.99 -24.90
CA ARG D 51 16.91 27.54 -24.63
C ARG D 51 16.44 28.00 -23.26
N GLU D 52 17.35 28.11 -22.29
CA GLU D 52 16.97 28.61 -20.99
C GLU D 52 16.65 30.11 -20.99
N ASP D 53 17.02 30.85 -22.05
CA ASP D 53 16.76 32.29 -22.12
C ASP D 53 15.30 32.64 -22.42
N THR D 54 14.39 31.67 -22.46
CA THR D 54 12.99 32.03 -22.63
C THR D 54 12.30 32.25 -21.31
N ARG D 55 12.98 31.98 -20.19
CA ARG D 55 12.45 32.33 -18.87
C ARG D 55 12.48 33.82 -18.67
N LYS D 56 13.52 34.48 -19.21
CA LYS D 56 13.61 35.93 -19.22
C LYS D 56 12.47 36.59 -19.98
N LEU D 57 11.67 35.82 -20.69
CA LEU D 57 10.69 36.43 -21.60
C LEU D 57 9.37 36.69 -20.87
N PRO D 58 8.75 37.84 -21.14
CA PRO D 58 7.46 38.14 -20.54
C PRO D 58 6.43 37.10 -20.91
N ARG D 59 5.50 36.87 -19.99
CA ARG D 59 4.49 35.84 -20.16
C ARG D 59 3.84 35.91 -21.53
N ALA D 60 3.53 37.13 -21.99
CA ALA D 60 2.76 37.32 -23.22
C ALA D 60 3.57 37.07 -24.47
N ASP D 61 4.85 37.43 -24.46
CA ASP D 61 5.68 37.14 -25.63
C ASP D 61 5.91 35.65 -25.76
N TYR D 62 6.12 34.95 -24.64
CA TYR D 62 6.33 33.50 -24.67
C TYR D 62 5.07 32.76 -25.15
N ARG D 63 3.91 33.17 -24.68
CA ARG D 63 2.68 32.53 -25.17
C ARG D 63 2.54 32.74 -26.67
N ASN D 64 2.86 33.94 -27.13
CA ASN D 64 2.85 34.21 -28.56
C ASN D 64 3.85 33.35 -29.32
N ILE D 65 5.06 33.15 -28.79
CA ILE D 65 5.97 32.18 -29.37
C ILE D 65 5.29 30.82 -29.48
N GLN D 66 4.54 30.45 -28.43
CA GLN D 66 3.93 29.12 -28.41
C GLN D 66 2.83 28.98 -29.47
N ILE D 67 2.02 30.02 -29.64
CA ILE D 67 1.01 29.99 -30.70
C ILE D 67 1.69 29.85 -32.06
N GLU D 68 2.76 30.63 -32.28
CA GLU D 68 3.49 30.54 -33.55
C GLU D 68 4.11 29.16 -33.74
N ALA D 69 4.77 28.64 -32.70
CA ALA D 69 5.38 27.33 -32.82
C ALA D 69 4.35 26.28 -33.22
N ALA D 70 3.11 26.40 -32.73
CA ALA D 70 2.09 25.40 -33.05
C ALA D 70 1.57 25.54 -34.47
N LYS D 71 1.33 26.77 -34.91
CA LYS D 71 0.95 27.00 -36.29
C LYS D 71 2.00 26.42 -37.23
N LYS D 72 3.27 26.71 -36.97
CA LYS D 72 4.36 26.19 -37.80
C LYS D 72 4.39 24.65 -37.79
N ILE D 73 4.14 24.04 -36.64
CA ILE D 73 4.12 22.58 -36.55
C ILE D 73 2.98 21.98 -37.37
N SER D 74 1.85 22.65 -37.44
CA SER D 74 0.70 22.03 -38.08
C SER D 74 0.82 21.99 -39.60
N LEU D 75 1.58 22.91 -40.19
CA LEU D 75 1.88 22.91 -41.61
C LEU D 75 2.81 21.80 -42.10
N ILE D 76 3.50 21.07 -41.21
CA ILE D 76 4.69 20.32 -41.65
C ILE D 76 4.31 19.21 -42.63
N THR D 77 3.47 18.28 -42.19
CA THR D 77 2.84 17.31 -43.08
C THR D 77 1.50 16.92 -42.47
N ASP D 78 0.93 15.83 -42.96
CA ASP D 78 -0.31 15.29 -42.38
C ASP D 78 -0.08 14.73 -40.99
N ASN D 79 0.82 13.74 -40.85
CA ASN D 79 0.94 12.93 -39.65
C ASN D 79 2.08 13.37 -38.73
N LEU D 80 1.74 13.62 -37.47
CA LEU D 80 2.69 14.19 -36.54
C LEU D 80 2.76 13.36 -35.27
N ILE D 81 3.98 13.26 -34.73
CA ILE D 81 4.18 13.03 -33.32
C ILE D 81 4.82 14.30 -32.76
N VAL D 82 4.11 14.99 -31.88
CA VAL D 82 4.63 16.18 -31.23
C VAL D 82 5.12 15.81 -29.83
N ASP D 83 6.41 15.89 -29.64
CA ASP D 83 7.07 15.47 -28.41
C ASP D 83 7.07 16.64 -27.43
N THR D 84 6.45 16.46 -26.27
CA THR D 84 6.34 17.59 -25.33
C THR D 84 6.04 17.04 -23.93
N HIS D 85 5.50 17.89 -23.07
CA HIS D 85 5.30 17.60 -21.66
C HIS D 85 3.93 18.11 -21.22
N MET D 86 3.17 17.31 -20.48
CA MET D 86 1.86 17.67 -19.95
C MET D 86 2.10 18.71 -18.87
N SER D 87 3.19 18.62 -18.10
CA SER D 87 3.45 19.57 -17.02
C SER D 87 4.93 19.58 -16.68
N LEU D 88 5.41 20.76 -16.26
CA LEU D 88 6.78 20.92 -15.77
C LEU D 88 6.77 21.29 -14.28
N LYS D 89 7.73 20.75 -13.55
CA LYS D 89 7.98 21.18 -12.20
C LYS D 89 8.71 22.52 -12.20
N THR D 90 8.19 23.45 -11.42
CA THR D 90 8.77 24.77 -11.17
C THR D 90 8.71 25.09 -9.69
N PRO D 91 9.32 26.22 -9.29
CA PRO D 91 9.28 26.66 -7.88
C PRO D 91 7.88 27.00 -7.43
N TYR D 92 7.03 27.40 -8.38
CA TYR D 92 5.64 27.69 -8.13
C TYR D 92 4.71 26.49 -8.23
N GLY D 93 5.23 25.28 -8.47
CA GLY D 93 4.38 24.12 -8.67
C GLY D 93 4.43 23.61 -10.12
N PHE D 94 3.48 22.70 -10.42
CA PHE D 94 3.37 22.16 -11.78
C PHE D 94 2.74 23.19 -12.71
N TYR D 95 3.28 23.29 -13.94
CA TYR D 95 2.80 24.29 -14.91
C TYR D 95 2.51 23.59 -16.23
N PRO D 96 1.36 23.85 -16.85
CA PRO D 96 1.00 23.05 -18.03
C PRO D 96 1.98 23.34 -19.16
N GLY D 97 2.38 22.29 -19.87
CA GLY D 97 3.24 22.47 -21.05
C GLY D 97 2.53 22.96 -22.30
N LEU D 98 1.24 22.64 -22.45
CA LEU D 98 0.41 23.14 -23.54
C LEU D 98 -0.30 24.45 -23.17
N ILE D 99 -0.86 25.11 -24.17
CA ILE D 99 -1.92 26.10 -23.99
C ILE D 99 -3.09 25.66 -24.86
N PRO D 100 -4.28 26.17 -24.60
CA PRO D 100 -5.44 25.71 -25.40
C PRO D 100 -5.26 25.98 -26.89
N GLU D 101 -4.64 27.09 -27.27
CA GLU D 101 -4.37 27.31 -28.69
C GLU D 101 -3.58 26.16 -29.30
N THR D 102 -2.65 25.57 -28.54
CA THR D 102 -1.85 24.48 -29.10
C THR D 102 -2.74 23.34 -29.58
N ILE D 103 -3.82 23.06 -28.86
CA ILE D 103 -4.67 21.97 -29.33
C ILE D 103 -5.63 22.42 -30.42
N ASN D 104 -6.07 23.67 -30.39
CA ASN D 104 -6.95 24.15 -31.43
C ASN D 104 -6.20 24.14 -32.75
N ILE D 105 -4.94 24.57 -32.73
CA ILE D 105 -4.12 24.70 -33.94
C ILE D 105 -3.74 23.33 -34.50
N ILE D 106 -3.22 22.45 -33.65
CA ILE D 106 -2.67 21.18 -34.11
C ILE D 106 -3.76 20.12 -34.31
N GLN D 107 -4.89 20.25 -33.65
CA GLN D 107 -6.01 19.34 -33.82
C GLN D 107 -5.60 17.87 -33.67
N PRO D 108 -4.95 17.50 -32.57
CA PRO D 108 -4.45 16.14 -32.40
C PRO D 108 -5.56 15.11 -32.16
N ASP D 109 -5.36 13.91 -32.69
CA ASP D 109 -6.34 12.85 -32.46
C ASP D 109 -6.33 12.38 -31.02
N GLY D 110 -5.15 12.30 -30.38
CA GLY D 110 -5.00 12.02 -28.96
C GLY D 110 -3.66 12.44 -28.35
N ILE D 111 -3.49 12.01 -27.09
CA ILE D 111 -2.35 12.28 -26.23
C ILE D 111 -1.83 10.93 -25.76
N ILE D 112 -0.52 10.74 -25.85
CA ILE D 112 0.14 9.51 -25.41
C ILE D 112 0.97 9.83 -24.16
N LEU D 113 0.73 9.09 -23.07
CA LEU D 113 1.58 9.20 -21.89
C LEU D 113 2.45 7.94 -21.80
N LEU D 114 3.77 8.13 -21.69
CA LEU D 114 4.72 7.07 -21.37
C LEU D 114 4.97 7.08 -19.87
N GLU D 115 4.54 6.03 -19.18
CA GLU D 115 4.63 5.97 -17.73
C GLU D 115 5.68 4.97 -17.31
N PHE D 116 6.58 5.40 -16.46
CA PHE D 116 7.73 4.61 -16.06
C PHE D 116 7.67 4.23 -14.59
N ASN D 117 8.47 3.23 -14.20
CA ASN D 117 8.68 2.97 -12.78
C ASN D 117 9.62 4.02 -12.24
N PRO D 118 9.33 4.64 -11.11
CA PRO D 118 10.24 5.66 -10.57
C PRO D 118 11.69 5.23 -10.37
N ARG D 119 11.95 3.97 -9.96
CA ARG D 119 13.33 3.55 -9.72
C ARG D 119 14.14 3.58 -11.01
N ASP D 120 13.54 3.08 -12.10
CA ASP D 120 14.16 3.19 -13.40
C ASP D 120 14.39 4.63 -13.81
N VAL D 121 13.48 5.54 -13.46
CA VAL D 121 13.66 6.94 -13.84
C VAL D 121 14.86 7.54 -13.10
N ILE D 122 14.89 7.37 -11.78
CA ILE D 122 16.05 7.74 -10.97
C ILE D 122 17.33 7.22 -11.62
N ALA D 123 17.38 5.92 -11.95
CA ALA D 123 18.61 5.36 -12.51
C ALA D 123 18.97 5.96 -13.89
N ARG D 124 18.00 6.14 -14.80
CA ARG D 124 18.32 6.74 -16.10
C ARG D 124 18.74 8.20 -15.96
N ARG D 125 18.14 8.93 -15.02
CA ARG D 125 18.56 10.31 -14.81
C ARG D 125 19.99 10.35 -14.28
N GLU D 126 20.36 9.37 -13.43
CA GLU D 126 21.71 9.37 -12.85
C GLU D 126 22.73 8.87 -13.86
N LYS D 127 22.41 7.82 -14.61
CA LYS D 127 23.27 7.41 -15.73
C LYS D 127 23.55 8.58 -16.69
N ASP D 128 22.55 9.40 -17.00
CA ASP D 128 22.82 10.51 -17.89
C ASP D 128 23.58 11.63 -17.19
N ARG D 129 23.24 11.92 -15.94
CA ARG D 129 24.02 12.90 -15.19
C ARG D 129 25.49 12.53 -15.25
N LEU D 130 25.80 11.27 -14.96
CA LEU D 130 27.19 10.77 -15.00
C LEU D 130 27.82 10.95 -16.38
N ALA D 131 27.04 10.78 -17.43
CA ALA D 131 27.56 10.87 -18.78
C ALA D 131 27.58 12.29 -19.32
N GLY D 132 27.13 13.27 -18.58
CA GLY D 132 27.14 14.64 -19.05
C GLY D 132 25.93 15.14 -19.84
N LYS D 133 24.86 14.35 -19.94
CA LYS D 133 23.69 14.78 -20.69
C LYS D 133 22.69 15.51 -19.80
N ARG D 134 22.66 15.19 -18.51
CA ARG D 134 21.73 15.78 -17.55
C ARG D 134 22.58 16.67 -16.66
N VAL D 135 22.45 18.00 -16.81
CA VAL D 135 23.33 18.95 -16.07
C VAL D 135 22.73 19.28 -14.70
N THR D 136 21.42 19.44 -14.56
CA THR D 136 20.79 19.79 -13.27
C THR D 136 20.95 18.62 -12.31
N ARG D 137 21.09 18.90 -11.02
CA ARG D 137 21.25 17.87 -9.97
C ARG D 137 20.02 17.93 -9.06
N ASP D 138 18.85 18.29 -9.60
CA ASP D 138 17.59 18.31 -8.81
C ASP D 138 17.10 16.86 -8.80
N MET D 139 17.70 16.03 -7.94
CA MET D 139 17.45 14.57 -7.81
C MET D 139 16.08 14.40 -7.18
N GLU D 140 15.11 13.83 -7.88
CA GLU D 140 13.80 13.66 -7.31
C GLU D 140 13.73 12.30 -6.63
N SER D 141 12.78 12.19 -5.70
CA SER D 141 12.43 10.93 -5.11
C SER D 141 11.41 10.15 -5.95
N GLU D 142 11.22 8.90 -5.54
CA GLU D 142 10.16 8.07 -6.07
C GLU D 142 8.84 8.74 -5.95
N THR D 143 8.61 9.43 -4.85
CA THR D 143 7.29 9.98 -4.58
C THR D 143 7.04 11.20 -5.44
N ASP D 144 8.08 12.03 -5.59
CA ASP D 144 8.01 13.17 -6.49
C ASP D 144 7.67 12.70 -7.89
N ILE D 145 8.29 11.61 -8.34
CA ILE D 145 8.12 11.12 -9.70
C ILE D 145 6.76 10.44 -9.87
N LEU D 146 6.26 9.75 -8.84
CA LEU D 146 4.88 9.25 -8.94
C LEU D 146 3.90 10.41 -9.00
N LEU D 147 4.10 11.40 -8.15
CA LEU D 147 3.24 12.57 -8.14
C LEU D 147 3.19 13.19 -9.52
N HIS D 148 4.35 13.37 -10.13
CA HIS D 148 4.36 14.01 -11.44
C HIS D 148 3.57 13.19 -12.47
N GLN D 149 3.72 11.86 -12.45
CA GLN D 149 3.02 11.02 -13.41
C GLN D 149 1.54 11.03 -13.14
N GLN D 150 1.13 11.34 -11.91
CA GLN D 150 -0.30 11.45 -11.69
C GLN D 150 -0.83 12.80 -12.15
N VAL D 151 -0.13 13.90 -11.83
CA VAL D 151 -0.53 15.22 -12.35
C VAL D 151 -0.64 15.17 -13.87
N ASN D 152 0.31 14.48 -14.55
CA ASN D 152 0.32 14.42 -15.99
C ASN D 152 -0.92 13.72 -16.57
N ARG D 153 -1.32 12.59 -15.97
CA ARG D 153 -2.60 11.99 -16.34
C ARG D 153 -3.71 13.01 -16.24
N MET D 154 -3.84 13.66 -15.07
CA MET D 154 -4.96 14.57 -14.85
C MET D 154 -4.97 15.68 -15.89
N PHE D 155 -3.79 16.18 -16.28
CA PHE D 155 -3.79 17.14 -17.39
C PHE D 155 -4.28 16.51 -18.69
N ALA D 156 -3.82 15.30 -19.00
CA ALA D 156 -4.27 14.70 -20.27
C ALA D 156 -5.80 14.55 -20.28
N VAL D 157 -6.36 14.02 -19.18
CA VAL D 157 -7.79 13.71 -19.16
C VAL D 157 -8.60 14.98 -19.26
N SER D 158 -8.17 16.05 -18.58
CA SER D 158 -8.81 17.34 -18.73
C SER D 158 -8.83 17.76 -20.18
N TYR D 159 -7.67 17.68 -20.86
CA TYR D 159 -7.63 18.06 -22.26
C TYR D 159 -8.58 17.21 -23.10
N SER D 160 -8.67 15.91 -22.84
CA SER D 160 -9.65 15.10 -23.57
C SER D 160 -11.10 15.52 -23.24
N ALA D 161 -11.41 15.76 -21.97
CA ALA D 161 -12.77 16.20 -21.62
C ALA D 161 -13.12 17.51 -22.28
N ILE D 162 -12.14 18.41 -22.36
CA ILE D 162 -12.34 19.71 -22.99
C ILE D 162 -12.43 19.60 -24.51
N ASN D 163 -11.57 18.76 -25.12
CA ASN D 163 -11.40 18.73 -26.57
C ASN D 163 -11.82 17.43 -27.25
N GLN D 164 -12.23 16.40 -26.50
CA GLN D 164 -12.63 15.11 -27.06
C GLN D 164 -11.51 14.51 -27.94
N CYS D 165 -10.46 14.11 -27.27
CA CYS D 165 -9.39 13.38 -27.93
C CYS D 165 -9.06 12.13 -27.12
N TYR D 166 -8.24 11.27 -27.72
CA TYR D 166 -7.88 10.03 -27.04
C TYR D 166 -6.83 10.32 -25.99
N VAL D 167 -6.76 9.45 -24.98
CA VAL D 167 -5.75 9.49 -23.93
C VAL D 167 -5.15 8.09 -23.81
N LYS D 168 -3.99 7.87 -24.43
CA LYS D 168 -3.38 6.54 -24.46
C LYS D 168 -2.25 6.46 -23.43
N ILE D 169 -2.39 5.54 -22.46
CA ILE D 169 -1.38 5.31 -21.42
C ILE D 169 -0.59 4.06 -21.76
N ILE D 170 0.71 4.20 -21.99
CA ILE D 170 1.58 3.07 -22.26
C ILE D 170 2.34 2.80 -20.98
N ASP D 171 2.00 1.69 -20.33
CA ASP D 171 2.68 1.19 -19.13
C ASP D 171 4.08 0.68 -19.50
N LEU D 172 5.11 1.44 -19.10
CA LEU D 172 6.50 0.98 -19.14
C LEU D 172 7.09 0.78 -17.75
N THR D 173 6.29 0.32 -16.80
CA THR D 173 6.67 0.26 -15.39
C THR D 173 7.07 -1.14 -14.91
N TRP D 174 7.06 -2.15 -15.78
CA TRP D 174 7.50 -3.49 -15.43
C TRP D 174 9.03 -3.60 -15.51
N PRO D 175 9.62 -4.64 -14.90
CA PRO D 175 11.07 -4.81 -14.97
C PRO D 175 11.49 -5.16 -16.38
N GLN D 176 12.57 -4.54 -16.86
CA GLN D 176 13.06 -4.94 -18.18
C GLN D 176 13.71 -6.32 -18.09
N GLU D 177 13.56 -7.08 -19.17
CA GLU D 177 14.24 -8.36 -19.39
C GLU D 177 15.56 -8.21 -20.12
N TYR D 178 15.83 -7.05 -20.71
CA TYR D 178 17.10 -6.72 -21.35
C TYR D 178 17.11 -5.22 -21.60
N GLU D 179 18.29 -4.73 -21.97
CA GLU D 179 18.44 -3.30 -22.16
C GLU D 179 17.53 -2.83 -23.26
N PHE D 180 16.87 -1.70 -23.00
CA PHE D 180 16.07 -0.95 -23.97
C PHE D 180 14.81 -1.67 -24.40
N GLN D 181 14.36 -2.68 -23.66
CA GLN D 181 13.05 -3.28 -23.91
C GLN D 181 11.93 -2.24 -23.80
N HIS D 182 12.05 -1.30 -22.86
CA HIS D 182 10.97 -0.33 -22.67
C HIS D 182 10.82 0.58 -23.87
N THR D 183 11.93 1.06 -24.40
CA THR D 183 11.88 1.91 -25.57
C THR D 183 11.35 1.16 -26.79
N GLU D 184 11.80 -0.08 -27.00
CA GLU D 184 11.32 -0.88 -28.10
C GLU D 184 9.82 -1.14 -27.98
N TYR D 185 9.39 -1.54 -26.78
CA TYR D 185 7.96 -1.75 -26.50
C TYR D 185 7.16 -0.51 -26.88
N ALA D 186 7.58 0.67 -26.43
CA ALA D 186 6.79 1.88 -26.65
C ALA D 186 6.72 2.22 -28.13
N VAL D 187 7.87 2.17 -28.81
CA VAL D 187 7.91 2.46 -30.24
C VAL D 187 7.01 1.50 -31.02
N ASN D 188 7.06 0.21 -30.69
CA ASN D 188 6.23 -0.74 -31.41
C ASN D 188 4.74 -0.49 -31.14
N LYS D 189 4.36 -0.19 -29.89
CA LYS D 189 2.96 0.08 -29.58
C LYS D 189 2.44 1.31 -30.31
N ILE D 190 3.27 2.34 -30.45
CA ILE D 190 2.82 3.53 -31.15
C ILE D 190 2.69 3.24 -32.65
N ILE D 191 3.63 2.47 -33.20
CA ILE D 191 3.56 2.10 -34.61
C ILE D 191 2.32 1.24 -34.87
N GLU D 192 2.13 0.20 -34.06
CA GLU D 192 0.90 -0.60 -34.13
C GLU D 192 -0.33 0.29 -34.14
N MET D 193 -0.33 1.29 -33.29
CA MET D 193 -1.47 2.18 -33.23
C MET D 193 -1.59 2.98 -34.52
N LEU D 194 -0.47 3.42 -35.07
CA LEU D 194 -0.51 4.30 -36.23
C LEU D 194 -0.80 3.55 -37.52
N ASN D 195 -0.61 2.24 -37.56
CA ASN D 195 -0.94 1.45 -38.74
C ASN D 195 -2.21 0.63 -38.57
N PHE D 196 -3.15 1.09 -37.73
CA PHE D 196 -4.30 0.28 -37.37
C PHE D 196 -5.44 0.47 -38.36
N MET E 1 -34.89 15.81 -10.47
CA MET E 1 -33.43 16.08 -10.67
C MET E 1 -32.92 15.18 -11.82
N ARG E 2 -31.81 15.55 -12.44
CA ARG E 2 -31.23 14.78 -13.54
C ARG E 2 -29.77 14.45 -13.23
N PHE E 3 -29.42 13.15 -13.31
CA PHE E 3 -28.06 12.67 -13.05
C PHE E 3 -27.56 11.74 -14.16
N ILE E 4 -26.26 11.82 -14.42
CA ILE E 4 -25.59 10.86 -15.28
C ILE E 4 -25.01 9.81 -14.37
N LEU E 5 -25.23 8.54 -14.69
CA LEU E 5 -24.76 7.42 -13.88
C LEU E 5 -23.77 6.67 -14.75
N THR E 6 -22.59 6.41 -14.20
CA THR E 6 -21.53 5.74 -14.92
C THR E 6 -20.75 4.76 -14.02
N GLY E 7 -19.90 4.02 -14.69
CA GLY E 7 -19.08 3.00 -14.07
C GLY E 7 -18.40 2.18 -15.14
N VAL E 8 -17.31 1.53 -14.79
CA VAL E 8 -16.70 0.62 -15.75
C VAL E 8 -17.70 -0.41 -16.25
N PRO E 9 -17.59 -0.88 -17.48
CA PRO E 9 -18.56 -1.85 -18.02
C PRO E 9 -18.46 -3.23 -17.38
N GLY E 10 -19.58 -3.94 -17.47
CA GLY E 10 -19.65 -5.32 -17.06
C GLY E 10 -19.66 -5.54 -15.57
N ALA E 11 -19.87 -4.50 -14.78
CA ALA E 11 -19.74 -4.58 -13.35
C ALA E 11 -21.06 -4.57 -12.59
N GLY E 12 -22.19 -4.38 -13.28
CA GLY E 12 -23.50 -4.36 -12.65
C GLY E 12 -24.22 -3.02 -12.61
N LYS E 13 -23.75 -2.03 -13.35
CA LYS E 13 -24.50 -0.78 -13.46
C LYS E 13 -25.91 -1.02 -14.04
N THR E 14 -26.03 -1.98 -14.95
CA THR E 14 -27.35 -2.35 -15.46
C THR E 14 -28.29 -2.73 -14.32
N THR E 15 -27.79 -3.50 -13.37
CA THR E 15 -28.60 -3.96 -12.25
C THR E 15 -29.07 -2.81 -11.38
N VAL E 16 -28.17 -1.89 -11.03
CA VAL E 16 -28.61 -0.70 -10.29
C VAL E 16 -29.72 -0.02 -11.08
N CYS E 17 -29.57 0.08 -12.41
CA CYS E 17 -30.58 0.76 -13.19
C CYS E 17 -31.91 0.04 -13.14
N ASN E 18 -31.91 -1.29 -13.23
CA ASN E 18 -33.19 -1.99 -13.25
C ASN E 18 -33.86 -1.93 -11.89
N LYS E 19 -33.12 -2.22 -10.81
CA LYS E 19 -33.66 -2.03 -9.46
C LYS E 19 -34.18 -0.60 -9.27
N LEU E 20 -33.36 0.42 -9.56
CA LEU E 20 -33.80 1.81 -9.47
C LEU E 20 -35.15 2.02 -10.13
N ALA E 21 -35.23 1.71 -11.42
CA ALA E 21 -36.44 1.88 -12.19
C ALA E 21 -37.64 1.21 -11.52
N GLU E 22 -37.40 0.06 -10.92
CA GLU E 22 -38.47 -0.74 -10.34
C GLU E 22 -38.80 -0.27 -8.94
N LYS E 23 -37.78 -0.03 -8.12
CA LYS E 23 -37.96 0.39 -6.75
C LYS E 23 -38.56 1.79 -6.62
N MET E 24 -38.71 2.51 -7.74
CA MET E 24 -39.04 3.93 -7.72
C MET E 24 -39.86 4.27 -8.96
N SER E 25 -41.12 4.58 -8.77
CA SER E 25 -41.89 5.17 -9.85
C SER E 25 -41.55 6.66 -9.93
N ASN E 26 -41.99 7.29 -11.01
CA ASN E 26 -41.66 8.71 -11.22
C ASN E 26 -40.15 8.90 -11.39
N LEU E 27 -39.47 7.83 -11.76
CA LEU E 27 -38.09 7.87 -12.17
C LEU E 27 -38.01 7.27 -13.57
N SER E 28 -37.40 8.01 -14.48
CA SER E 28 -37.05 7.52 -15.81
C SER E 28 -35.56 7.18 -15.86
N VAL E 29 -35.26 5.96 -16.28
CA VAL E 29 -33.90 5.45 -16.43
C VAL E 29 -33.64 5.21 -17.91
N VAL E 30 -32.93 6.12 -18.56
CA VAL E 30 -32.58 5.99 -19.97
C VAL E 30 -31.14 5.53 -20.11
N ASN E 31 -30.89 4.60 -21.01
CA ASN E 31 -29.55 4.17 -21.35
C ASN E 31 -29.15 4.90 -22.61
N TYR E 32 -28.09 5.72 -22.52
CA TYR E 32 -27.72 6.59 -23.63
C TYR E 32 -27.25 5.79 -24.83
N GLY E 33 -26.56 4.68 -24.59
CA GLY E 33 -26.01 3.92 -25.69
C GLY E 33 -27.07 3.25 -26.53
N ASP E 34 -28.20 2.91 -25.93
CA ASP E 34 -29.30 2.26 -26.62
C ASP E 34 -30.14 3.26 -27.40
N VAL E 35 -30.35 4.47 -26.84
CA VAL E 35 -30.98 5.56 -27.57
C VAL E 35 -30.13 6.00 -28.76
N ILE E 36 -28.79 5.94 -28.63
CA ILE E 36 -27.93 6.22 -29.76
C ILE E 36 -28.11 5.14 -30.80
N PHE E 37 -28.16 3.87 -30.38
CA PHE E 37 -28.30 2.77 -31.33
C PHE E 37 -29.64 2.83 -32.06
N GLU E 38 -30.72 3.09 -31.34
CA GLU E 38 -32.02 3.15 -31.99
C GLU E 38 -32.18 4.41 -32.83
N GLU E 39 -31.51 5.51 -32.48
CA GLU E 39 -31.56 6.71 -33.33
C GLU E 39 -30.62 6.57 -34.53
N ALA E 40 -29.74 5.56 -34.54
CA ALA E 40 -28.91 5.29 -35.70
C ALA E 40 -29.65 4.46 -36.74
N LYS E 41 -30.56 3.57 -36.30
CA LYS E 41 -31.41 2.85 -37.24
C LYS E 41 -32.44 3.76 -37.86
N LYS E 42 -32.82 4.83 -37.15
CA LYS E 42 -33.77 5.82 -37.65
C LYS E 42 -33.20 6.65 -38.79
N LEU E 43 -31.87 6.70 -38.93
CA LEU E 43 -31.23 7.55 -39.93
C LEU E 43 -30.24 6.80 -40.82
N TYR E 44 -29.83 5.58 -40.48
CA TYR E 44 -28.98 4.79 -41.36
C TYR E 44 -29.42 3.33 -41.31
N PRO E 45 -30.74 3.07 -41.45
CA PRO E 45 -31.25 1.70 -41.26
C PRO E 45 -30.69 0.66 -42.21
N SER E 46 -30.63 0.95 -43.50
CA SER E 46 -30.12 0.01 -44.51
C SER E 46 -28.66 -0.30 -44.17
N ILE E 47 -27.98 0.66 -43.55
CA ILE E 47 -26.54 0.62 -43.16
C ILE E 47 -26.24 0.21 -41.71
N ILE E 48 -27.10 0.39 -40.70
CA ILE E 48 -26.68 0.15 -39.26
C ILE E 48 -26.89 -1.30 -38.83
N GLN E 49 -28.09 -1.86 -38.93
CA GLN E 49 -28.44 -3.26 -38.57
C GLN E 49 -28.18 -3.57 -37.09
N VAL E 50 -26.93 -3.65 -36.63
CA VAL E 50 -26.57 -3.99 -35.21
C VAL E 50 -26.01 -2.78 -34.46
N ARG E 51 -25.87 -2.91 -33.14
CA ARG E 51 -25.51 -1.86 -32.18
C ARG E 51 -24.19 -1.15 -32.51
N GLU E 52 -23.13 -1.90 -32.83
CA GLU E 52 -21.79 -1.33 -32.87
C GLU E 52 -21.32 -1.01 -34.30
N ASP E 53 -22.25 -0.97 -35.24
CA ASP E 53 -21.96 -0.50 -36.60
C ASP E 53 -21.92 1.03 -36.70
N THR E 54 -21.90 1.73 -35.56
CA THR E 54 -21.71 3.18 -35.53
C THR E 54 -20.23 3.57 -35.63
N ARG E 55 -19.32 2.63 -35.42
CA ARG E 55 -17.91 2.94 -35.51
C ARG E 55 -17.54 3.37 -36.93
N LYS E 56 -18.34 2.95 -37.92
CA LYS E 56 -18.11 3.17 -39.34
C LYS E 56 -18.76 4.45 -39.91
N LEU E 57 -19.50 5.29 -39.05
CA LEU E 57 -20.14 6.53 -39.51
C LEU E 57 -19.09 7.64 -39.51
N PRO E 58 -19.18 8.58 -40.46
CA PRO E 58 -18.36 9.80 -40.37
C PRO E 58 -18.55 10.49 -39.00
N ARG E 59 -17.52 11.21 -38.54
CA ARG E 59 -17.57 11.82 -37.21
C ARG E 59 -18.84 12.66 -37.03
N ALA E 60 -19.23 13.40 -38.06
CA ALA E 60 -20.35 14.32 -37.92
C ALA E 60 -21.68 13.61 -37.90
N ASP E 61 -21.79 12.50 -38.59
CA ASP E 61 -23.03 11.74 -38.55
C ASP E 61 -23.22 11.08 -37.19
N TYR E 62 -22.18 10.46 -36.63
CA TYR E 62 -22.30 9.96 -35.27
C TYR E 62 -22.59 11.08 -34.28
N ARG E 63 -21.93 12.22 -34.44
CA ARG E 63 -22.16 13.31 -33.51
C ARG E 63 -23.62 13.78 -33.57
N ASN E 64 -24.20 13.80 -34.76
CA ASN E 64 -25.59 14.21 -34.91
C ASN E 64 -26.54 13.22 -34.27
N ILE E 65 -26.25 11.92 -34.35
CA ILE E 65 -27.02 10.94 -33.60
C ILE E 65 -26.92 11.25 -32.10
N GLN E 66 -25.74 11.61 -31.65
CA GLN E 66 -25.56 11.83 -30.23
C GLN E 66 -26.38 13.03 -29.77
N ILE E 67 -26.35 14.10 -30.53
CA ILE E 67 -27.13 15.29 -30.19
C ILE E 67 -28.63 14.97 -30.20
N GLU E 68 -29.15 14.49 -31.35
CA GLU E 68 -30.57 14.14 -31.44
C GLU E 68 -30.98 13.25 -30.27
N ALA E 69 -30.19 12.22 -30.00
CA ALA E 69 -30.47 11.36 -28.87
C ALA E 69 -30.53 12.14 -27.57
N ALA E 70 -29.68 13.18 -27.42
CA ALA E 70 -29.70 13.96 -26.19
C ALA E 70 -30.93 14.86 -26.14
N LYS E 71 -31.32 15.42 -27.28
CA LYS E 71 -32.56 16.20 -27.33
C LYS E 71 -33.76 15.36 -26.90
N LYS E 72 -33.80 14.10 -27.33
CA LYS E 72 -34.94 13.23 -27.03
C LYS E 72 -35.07 13.00 -25.53
N ILE E 73 -33.91 12.85 -24.85
CA ILE E 73 -33.86 12.68 -23.40
C ILE E 73 -34.13 14.00 -22.70
N SER E 74 -33.65 15.11 -23.26
CA SER E 74 -33.84 16.40 -22.63
C SER E 74 -35.31 16.69 -22.40
N LEU E 75 -36.18 16.02 -23.14
CA LEU E 75 -37.59 16.29 -23.03
C LEU E 75 -38.27 15.57 -21.87
N ILE E 76 -37.65 14.55 -21.28
CA ILE E 76 -38.28 13.90 -20.13
C ILE E 76 -38.45 14.94 -19.01
N THR E 77 -39.49 14.75 -18.17
CA THR E 77 -39.85 15.77 -17.19
C THR E 77 -39.61 15.42 -15.74
N ASP E 78 -39.44 14.15 -15.39
CA ASP E 78 -39.30 13.90 -13.97
C ASP E 78 -37.84 13.68 -13.57
N ASN E 79 -37.63 13.12 -12.38
CA ASN E 79 -36.35 12.52 -12.01
C ASN E 79 -35.84 11.69 -13.16
N LEU E 80 -34.62 12.01 -13.61
CA LEU E 80 -33.96 11.34 -14.72
C LEU E 80 -32.63 10.79 -14.28
N ILE E 81 -32.41 9.49 -14.53
CA ILE E 81 -31.07 8.88 -14.51
C ILE E 81 -30.70 8.54 -15.97
N VAL E 82 -29.61 9.11 -16.47
CA VAL E 82 -29.05 8.73 -17.76
C VAL E 82 -27.88 7.77 -17.54
N ASP E 83 -28.07 6.50 -17.84
CA ASP E 83 -27.05 5.45 -17.74
C ASP E 83 -26.04 5.58 -18.90
N THR E 84 -24.75 5.68 -18.61
CA THR E 84 -23.80 5.91 -19.68
C THR E 84 -22.38 5.54 -19.22
N HIS E 85 -21.41 5.80 -20.10
CA HIS E 85 -20.01 5.44 -19.86
C HIS E 85 -19.15 6.69 -19.95
N MET E 86 -18.47 7.04 -18.85
CA MET E 86 -17.51 8.15 -18.87
C MET E 86 -16.53 8.03 -20.02
N SER E 87 -15.98 6.83 -20.22
CA SER E 87 -14.95 6.64 -21.21
C SER E 87 -14.89 5.17 -21.58
N LEU E 88 -14.36 4.93 -22.78
CA LEU E 88 -14.26 3.59 -23.35
C LEU E 88 -12.85 3.32 -23.81
N LYS E 89 -12.36 2.10 -23.53
CA LYS E 89 -11.04 1.73 -23.98
C LYS E 89 -11.09 1.44 -25.48
N THR E 90 -9.99 1.76 -26.15
CA THR E 90 -9.87 1.92 -27.59
C THR E 90 -8.40 1.68 -27.97
N PRO E 91 -8.13 1.13 -29.14
CA PRO E 91 -6.72 0.90 -29.52
C PRO E 91 -5.92 2.17 -29.56
N TYR E 92 -6.59 3.31 -29.59
CA TYR E 92 -5.97 4.62 -29.46
C TYR E 92 -5.98 5.13 -28.03
N GLY E 93 -6.43 4.34 -27.05
CA GLY E 93 -6.58 4.79 -25.66
C GLY E 93 -8.02 5.14 -25.31
N PHE E 94 -8.18 5.69 -24.10
CA PHE E 94 -9.52 6.00 -23.60
C PHE E 94 -10.09 7.16 -24.40
N TYR E 95 -11.40 7.12 -24.61
CA TYR E 95 -12.09 8.19 -25.36
C TYR E 95 -13.35 8.54 -24.60
N PRO E 96 -13.72 9.82 -24.55
CA PRO E 96 -14.90 10.19 -23.76
C PRO E 96 -16.16 9.61 -24.37
N GLY E 97 -17.03 9.07 -23.50
CA GLY E 97 -18.34 8.62 -23.93
C GLY E 97 -19.35 9.72 -24.21
N LEU E 98 -19.20 10.86 -23.55
CA LEU E 98 -20.05 12.03 -23.73
C LEU E 98 -19.37 13.05 -24.65
N ILE E 99 -20.18 13.79 -25.39
CA ILE E 99 -19.65 15.02 -25.97
C ILE E 99 -20.20 16.21 -25.18
N PRO E 100 -19.51 17.34 -25.19
CA PRO E 100 -20.02 18.55 -24.53
C PRO E 100 -21.47 18.87 -24.82
N GLU E 101 -21.90 18.70 -26.08
CA GLU E 101 -23.28 18.91 -26.44
C GLU E 101 -24.21 18.02 -25.63
N THR E 102 -23.81 16.79 -25.36
CA THR E 102 -24.67 15.92 -24.58
C THR E 102 -24.92 16.51 -23.20
N ILE E 103 -23.88 17.00 -22.55
CA ILE E 103 -24.05 17.62 -21.23
C ILE E 103 -24.84 18.91 -21.34
N ASN E 104 -24.45 19.79 -22.29
CA ASN E 104 -25.12 21.08 -22.41
C ASN E 104 -26.62 20.91 -22.60
N ILE E 105 -27.02 19.83 -23.25
CA ILE E 105 -28.40 19.67 -23.63
C ILE E 105 -29.21 19.00 -22.55
N ILE E 106 -28.67 17.94 -21.95
CA ILE E 106 -29.42 17.24 -20.92
C ILE E 106 -29.44 18.01 -19.63
N GLN E 107 -28.48 18.95 -19.42
CA GLN E 107 -28.49 19.81 -18.24
C GLN E 107 -28.53 18.98 -16.95
N PRO E 108 -27.62 18.03 -16.78
CA PRO E 108 -27.64 17.22 -15.56
C PRO E 108 -27.23 18.01 -14.32
N ASP E 109 -27.88 17.70 -13.18
CA ASP E 109 -27.47 18.28 -11.91
C ASP E 109 -26.13 17.69 -11.47
N GLY E 110 -25.92 16.41 -11.75
CA GLY E 110 -24.61 15.86 -11.44
C GLY E 110 -24.27 14.59 -12.21
N ILE E 111 -23.08 14.08 -11.89
CA ILE E 111 -22.60 12.79 -12.37
C ILE E 111 -22.45 11.90 -11.15
N ILE E 112 -22.69 10.62 -11.34
CA ILE E 112 -22.61 9.61 -10.27
C ILE E 112 -21.64 8.53 -10.71
N LEU E 113 -20.56 8.34 -9.97
CA LEU E 113 -19.63 7.24 -10.27
C LEU E 113 -19.85 6.08 -9.32
N LEU E 114 -20.02 4.89 -9.89
CA LEU E 114 -20.05 3.63 -9.14
C LEU E 114 -18.67 3.03 -9.22
N GLU E 115 -18.06 2.80 -8.08
CA GLU E 115 -16.67 2.35 -8.03
C GLU E 115 -16.59 1.02 -7.32
N PHE E 116 -15.92 0.07 -7.97
CA PHE E 116 -15.86 -1.32 -7.57
C PHE E 116 -14.44 -1.74 -7.28
N ASN E 117 -14.31 -2.82 -6.53
CA ASN E 117 -13.04 -3.51 -6.44
C ASN E 117 -12.80 -4.27 -7.73
N PRO E 118 -11.61 -4.16 -8.36
CA PRO E 118 -11.35 -4.88 -9.62
C PRO E 118 -11.63 -6.38 -9.59
N ARG E 119 -11.35 -7.09 -8.49
CA ARG E 119 -11.68 -8.51 -8.43
C ARG E 119 -13.15 -8.76 -8.68
N ASP E 120 -14.00 -7.91 -8.10
CA ASP E 120 -15.42 -8.15 -8.25
C ASP E 120 -15.88 -7.88 -9.67
N VAL E 121 -15.22 -6.94 -10.38
CA VAL E 121 -15.59 -6.71 -11.79
C VAL E 121 -15.22 -7.91 -12.64
N ILE E 122 -14.03 -8.48 -12.41
CA ILE E 122 -13.59 -9.65 -13.17
C ILE E 122 -14.49 -10.85 -12.93
N ALA E 123 -14.97 -11.05 -11.70
CA ALA E 123 -15.84 -12.20 -11.43
C ALA E 123 -17.21 -12.03 -12.09
N ARG E 124 -17.83 -10.86 -11.88
CA ARG E 124 -19.12 -10.59 -12.54
C ARG E 124 -19.01 -10.58 -14.06
N ARG E 125 -17.84 -10.23 -14.63
CA ARG E 125 -17.62 -10.40 -16.06
C ARG E 125 -17.48 -11.87 -16.47
N GLU E 126 -16.79 -12.68 -15.67
CA GLU E 126 -16.70 -14.12 -15.96
C GLU E 126 -18.09 -14.76 -15.97
N LYS E 127 -18.93 -14.45 -14.97
CA LYS E 127 -20.26 -15.05 -14.90
C LYS E 127 -21.06 -14.80 -16.16
N ASP E 128 -21.01 -13.57 -16.68
CA ASP E 128 -21.80 -13.22 -17.86
C ASP E 128 -21.24 -13.86 -19.13
N ARG E 129 -19.91 -13.95 -19.25
CA ARG E 129 -19.34 -14.59 -20.44
C ARG E 129 -19.83 -16.03 -20.58
N LEU E 130 -20.05 -16.71 -19.45
CA LEU E 130 -20.67 -18.02 -19.44
C LEU E 130 -22.12 -17.94 -19.91
N MET E 139 -9.64 -10.47 -21.81
CA MET E 139 -10.15 -10.14 -20.47
C MET E 139 -9.16 -9.26 -19.70
N GLU E 140 -9.68 -8.24 -19.06
CA GLU E 140 -8.83 -7.18 -18.52
C GLU E 140 -8.17 -7.61 -17.21
N SER E 141 -7.01 -7.06 -16.94
CA SER E 141 -6.40 -7.34 -15.65
C SER E 141 -7.04 -6.47 -14.59
N GLU E 142 -6.71 -6.75 -13.33
CA GLU E 142 -7.15 -5.90 -12.24
C GLU E 142 -6.53 -4.50 -12.32
N THR E 143 -5.29 -4.40 -12.76
CA THR E 143 -4.73 -3.07 -12.91
C THR E 143 -5.38 -2.33 -14.08
N ASP E 144 -5.69 -3.04 -15.16
CA ASP E 144 -6.45 -2.42 -16.25
C ASP E 144 -7.73 -1.77 -15.74
N ILE E 145 -8.47 -2.48 -14.88
CA ILE E 145 -9.76 -1.99 -14.40
C ILE E 145 -9.56 -0.80 -13.45
N LEU E 146 -8.57 -0.91 -12.57
CA LEU E 146 -8.19 0.18 -11.71
C LEU E 146 -7.80 1.43 -12.49
N LEU E 147 -6.97 1.29 -13.53
CA LEU E 147 -6.67 2.42 -14.40
C LEU E 147 -7.94 2.99 -14.99
N HIS E 148 -8.79 2.13 -15.54
CA HIS E 148 -10.02 2.65 -16.15
C HIS E 148 -10.87 3.40 -15.13
N GLN E 149 -10.94 2.95 -13.87
CA GLN E 149 -11.74 3.69 -12.89
C GLN E 149 -11.09 5.04 -12.55
N GLN E 150 -9.77 5.03 -12.34
CA GLN E 150 -9.03 6.27 -12.14
C GLN E 150 -9.33 7.24 -13.27
N VAL E 151 -9.35 6.77 -14.52
CA VAL E 151 -9.53 7.69 -15.63
C VAL E 151 -10.95 8.26 -15.64
N ASN E 152 -11.96 7.42 -15.34
CA ASN E 152 -13.34 7.92 -15.26
C ASN E 152 -13.46 9.01 -14.18
N ARG E 153 -12.81 8.82 -13.03
CA ARG E 153 -12.91 9.83 -11.99
C ARG E 153 -12.38 11.18 -12.47
N MET E 154 -11.23 11.16 -13.18
CA MET E 154 -10.65 12.40 -13.69
C MET E 154 -11.58 13.09 -14.69
N PHE E 155 -12.22 12.33 -15.60
CA PHE E 155 -13.18 12.91 -16.52
C PHE E 155 -14.33 13.57 -15.77
N ALA E 156 -14.96 12.83 -14.84
CA ALA E 156 -16.07 13.40 -14.07
C ALA E 156 -15.67 14.70 -13.40
N VAL E 157 -14.51 14.71 -12.73
CA VAL E 157 -14.08 15.94 -12.07
C VAL E 157 -13.82 17.06 -13.10
N SER E 158 -13.30 16.74 -14.29
CA SER E 158 -13.18 17.77 -15.32
C SER E 158 -14.54 18.26 -15.77
N TYR E 159 -15.44 17.33 -16.13
CA TYR E 159 -16.79 17.72 -16.55
C TYR E 159 -17.49 18.56 -15.47
N SER E 160 -17.23 18.26 -14.19
CA SER E 160 -17.80 19.05 -13.11
C SER E 160 -17.21 20.45 -13.03
N ALA E 161 -15.94 20.60 -13.33
CA ALA E 161 -15.34 21.93 -13.24
C ALA E 161 -15.85 22.79 -14.39
N ILE E 162 -15.88 22.21 -15.58
CA ILE E 162 -16.30 22.87 -16.85
C ILE E 162 -17.78 23.22 -16.81
N ASN E 163 -18.63 22.31 -16.34
CA ASN E 163 -20.08 22.51 -16.37
C ASN E 163 -20.68 22.99 -15.06
N GLN E 164 -19.91 23.13 -13.99
CA GLN E 164 -20.42 23.52 -12.65
C GLN E 164 -21.58 22.59 -12.25
N CYS E 165 -21.30 21.31 -12.16
CA CYS E 165 -22.23 20.26 -11.75
C CYS E 165 -21.60 19.46 -10.62
N TYR E 166 -22.39 18.68 -9.90
CA TYR E 166 -21.93 17.84 -8.78
C TYR E 166 -21.27 16.56 -9.29
N VAL E 167 -20.34 16.02 -8.53
CA VAL E 167 -19.83 14.69 -8.82
C VAL E 167 -19.84 13.86 -7.52
N LYS E 168 -20.62 12.78 -7.54
CA LYS E 168 -20.86 11.87 -6.43
C LYS E 168 -20.08 10.59 -6.68
N ILE E 169 -19.23 10.21 -5.73
CA ILE E 169 -18.59 8.91 -5.81
C ILE E 169 -19.34 7.97 -4.88
N ILE E 170 -19.71 6.81 -5.39
CA ILE E 170 -20.34 5.82 -4.55
C ILE E 170 -19.39 4.66 -4.45
N ASP E 171 -18.80 4.49 -3.26
CA ASP E 171 -17.81 3.46 -3.00
C ASP E 171 -18.49 2.10 -2.89
N LEU E 172 -18.31 1.24 -3.89
CA LEU E 172 -18.69 -0.16 -3.75
C LEU E 172 -17.46 -1.10 -3.72
N THR E 173 -16.33 -0.64 -3.12
CA THR E 173 -15.08 -1.38 -3.17
C THR E 173 -14.85 -2.27 -1.97
N TRP E 174 -15.70 -2.16 -0.96
CA TRP E 174 -15.67 -3.05 0.20
C TRP E 174 -16.15 -4.45 -0.22
N PRO E 175 -15.93 -5.46 0.62
CA PRO E 175 -16.35 -6.82 0.23
C PRO E 175 -17.78 -7.12 0.62
N GLN E 176 -18.47 -7.80 -0.26
CA GLN E 176 -19.82 -8.25 0.02
C GLN E 176 -19.81 -9.33 1.09
N GLU E 177 -20.57 -9.07 2.16
CA GLU E 177 -20.90 -10.10 3.15
C GLU E 177 -21.87 -11.10 2.56
N TYR E 178 -22.70 -10.67 1.63
CA TYR E 178 -23.70 -11.52 0.98
C TYR E 178 -23.94 -10.95 -0.43
N GLU E 179 -24.65 -11.72 -1.25
CA GLU E 179 -24.74 -11.43 -2.67
C GLU E 179 -25.74 -10.31 -2.95
N PHE E 180 -25.45 -9.56 -4.02
CA PHE E 180 -26.17 -8.35 -4.45
C PHE E 180 -26.25 -7.26 -3.38
N GLN E 181 -25.32 -7.28 -2.41
CA GLN E 181 -25.29 -6.23 -1.40
C GLN E 181 -24.74 -4.90 -1.96
N HIS E 182 -23.80 -4.95 -2.94
CA HIS E 182 -23.32 -3.72 -3.57
C HIS E 182 -24.43 -3.04 -4.34
N THR E 183 -25.21 -3.81 -5.10
CA THR E 183 -26.31 -3.24 -5.87
C THR E 183 -27.32 -2.53 -4.98
N GLU E 184 -27.76 -3.18 -3.89
CA GLU E 184 -28.75 -2.60 -3.00
C GLU E 184 -28.26 -1.28 -2.44
N TYR E 185 -27.00 -1.24 -2.04
CA TYR E 185 -26.49 -0.07 -1.35
C TYR E 185 -26.37 1.11 -2.32
N ALA E 186 -25.99 0.84 -3.58
CA ALA E 186 -25.99 1.90 -4.58
C ALA E 186 -27.42 2.32 -4.91
N VAL E 187 -28.34 1.36 -5.04
CA VAL E 187 -29.72 1.75 -5.30
C VAL E 187 -30.25 2.64 -4.18
N ASN E 188 -30.00 2.25 -2.92
CA ASN E 188 -30.54 3.02 -1.82
C ASN E 188 -29.88 4.40 -1.71
N LYS E 189 -28.57 4.49 -2.01
CA LYS E 189 -27.89 5.77 -1.87
C LYS E 189 -28.38 6.78 -2.92
N ILE E 190 -28.76 6.30 -4.11
CA ILE E 190 -29.22 7.19 -5.17
C ILE E 190 -30.63 7.67 -4.89
N ILE E 191 -31.49 6.77 -4.40
CA ILE E 191 -32.84 7.16 -4.03
C ILE E 191 -32.82 8.19 -2.91
N GLU E 192 -32.08 7.90 -1.85
CA GLU E 192 -31.81 8.91 -0.82
C GLU E 192 -31.39 10.23 -1.44
N MET E 193 -30.56 10.18 -2.50
CA MET E 193 -30.11 11.39 -3.18
C MET E 193 -31.26 12.06 -3.92
N LEU E 194 -32.11 11.28 -4.57
CA LEU E 194 -33.21 11.84 -5.30
C LEU E 194 -34.32 12.36 -4.40
N ASN E 195 -34.38 11.95 -3.12
CA ASN E 195 -35.41 12.40 -2.20
C ASN E 195 -34.90 13.37 -1.14
N PHE E 196 -33.68 13.89 -1.27
CA PHE E 196 -33.12 14.81 -0.29
C PHE E 196 -33.74 16.19 -0.46
N LYS E 197 -34.32 16.74 0.60
CA LYS E 197 -34.99 18.04 0.52
C LYS E 197 -33.99 19.21 0.43
N MET F 1 2.67 38.39 -6.96
CA MET F 1 1.96 37.18 -7.44
C MET F 1 0.68 36.99 -6.62
N ARG F 2 -0.29 36.31 -7.25
CA ARG F 2 -1.53 35.95 -6.61
C ARG F 2 -1.69 34.43 -6.57
N PHE F 3 -1.97 33.89 -5.38
CA PHE F 3 -2.24 32.46 -5.25
C PHE F 3 -3.55 32.20 -4.51
N ILE F 4 -4.26 31.16 -4.94
CA ILE F 4 -5.35 30.56 -4.21
C ILE F 4 -4.73 29.53 -3.27
N LEU F 5 -5.11 29.55 -2.00
CA LEU F 5 -4.67 28.61 -0.98
C LEU F 5 -5.88 27.78 -0.59
N THR F 6 -5.71 26.44 -0.65
CA THR F 6 -6.81 25.52 -0.39
C THR F 6 -6.37 24.29 0.38
N GLY F 7 -7.38 23.55 0.81
CA GLY F 7 -7.20 22.35 1.60
C GLY F 7 -8.49 22.01 2.29
N VAL F 8 -8.69 20.73 2.58
CA VAL F 8 -9.87 20.29 3.29
C VAL F 8 -10.05 21.13 4.56
N PRO F 9 -11.27 21.18 5.08
CA PRO F 9 -11.52 21.92 6.32
C PRO F 9 -10.85 21.29 7.54
N GLY F 10 -10.53 22.15 8.49
CA GLY F 10 -10.05 21.77 9.80
C GLY F 10 -8.60 21.44 9.86
N ALA F 11 -7.92 21.47 8.72
CA ALA F 11 -6.59 20.93 8.62
C ALA F 11 -5.55 21.87 9.23
N GLY F 12 -5.67 23.17 8.97
CA GLY F 12 -4.71 24.14 9.47
C GLY F 12 -4.58 25.35 8.58
N LYS F 13 -5.48 25.50 7.62
CA LYS F 13 -5.33 26.53 6.60
C LYS F 13 -5.37 27.93 7.19
N THR F 14 -6.34 28.19 8.05
CA THR F 14 -6.48 29.54 8.61
C THR F 14 -5.29 29.91 9.49
N THR F 15 -4.77 28.94 10.23
CA THR F 15 -3.48 29.11 10.91
C THR F 15 -2.34 29.38 9.94
N VAL F 16 -2.33 28.74 8.79
CA VAL F 16 -1.24 29.06 7.86
C VAL F 16 -1.38 30.51 7.39
N CYS F 17 -2.61 30.95 7.10
CA CYS F 17 -2.80 32.30 6.59
C CYS F 17 -2.38 33.33 7.61
N ASN F 18 -2.75 33.13 8.88
CA ASN F 18 -2.45 34.16 9.87
C ASN F 18 -0.95 34.28 10.10
N LYS F 19 -0.21 33.17 9.98
CA LYS F 19 1.22 33.24 10.23
C LYS F 19 1.92 33.89 9.05
N LEU F 20 1.45 33.63 7.81
CA LEU F 20 1.95 34.35 6.65
C LEU F 20 1.73 35.85 6.79
N ALA F 21 0.54 36.24 7.29
CA ALA F 21 0.20 37.65 7.36
C ALA F 21 1.11 38.37 8.33
N GLU F 22 1.44 37.77 9.46
CA GLU F 22 2.24 38.50 10.48
C GLU F 22 3.72 38.49 10.15
N LYS F 23 4.18 37.55 9.34
CA LYS F 23 5.60 37.49 8.97
C LYS F 23 5.92 38.34 7.75
N MET F 24 4.98 38.55 6.84
CA MET F 24 5.30 39.09 5.53
C MET F 24 4.54 40.39 5.31
N SER F 25 5.30 41.48 5.23
CA SER F 25 4.73 42.83 5.17
C SER F 25 4.14 43.12 3.81
N ASN F 26 4.76 42.61 2.76
CA ASN F 26 4.35 42.77 1.38
C ASN F 26 3.40 41.65 0.97
N LEU F 27 2.40 41.40 1.81
CA LEU F 27 1.44 40.33 1.59
C LEU F 27 0.08 40.71 2.14
N SER F 28 -0.95 40.51 1.36
CA SER F 28 -2.31 40.57 1.84
C SER F 28 -2.90 39.17 1.81
N VAL F 29 -3.51 38.76 2.91
CA VAL F 29 -4.18 37.49 3.03
C VAL F 29 -5.65 37.75 3.20
N VAL F 30 -6.51 37.07 2.41
CA VAL F 30 -7.95 37.25 2.52
C VAL F 30 -8.70 35.92 2.44
N ASN F 31 -9.82 35.87 3.12
CA ASN F 31 -10.69 34.70 3.14
C ASN F 31 -11.86 34.99 2.21
N TYR F 32 -11.91 34.29 1.08
CA TYR F 32 -12.95 34.56 0.10
C TYR F 32 -14.31 34.54 0.74
N GLY F 33 -14.54 33.60 1.65
CA GLY F 33 -15.85 33.46 2.24
C GLY F 33 -16.18 34.57 3.21
N ASP F 34 -15.18 35.08 3.91
CA ASP F 34 -15.36 36.25 4.77
C ASP F 34 -15.77 37.47 3.94
N VAL F 35 -15.16 37.65 2.78
CA VAL F 35 -15.53 38.78 1.95
C VAL F 35 -16.92 38.56 1.37
N ILE F 36 -17.24 37.34 1.00
CA ILE F 36 -18.59 37.01 0.58
C ILE F 36 -19.58 37.38 1.67
N PHE F 37 -19.36 36.88 2.89
CA PHE F 37 -20.17 37.30 4.03
C PHE F 37 -20.26 38.83 4.16
N GLU F 38 -19.14 39.54 4.10
CA GLU F 38 -19.23 40.96 4.38
C GLU F 38 -20.04 41.69 3.31
N GLU F 39 -19.81 41.40 2.02
CA GLU F 39 -20.61 42.06 0.99
C GLU F 39 -22.07 41.60 1.03
N ALA F 40 -22.34 40.35 1.42
CA ALA F 40 -23.72 39.94 1.61
C ALA F 40 -24.38 40.77 2.71
N LYS F 41 -23.69 40.91 3.85
CA LYS F 41 -24.25 41.68 4.96
C LYS F 41 -24.58 43.10 4.54
N LYS F 42 -23.67 43.75 3.78
CA LYS F 42 -23.92 45.10 3.30
C LYS F 42 -25.24 45.22 2.54
N LEU F 43 -25.51 44.25 1.67
CA LEU F 43 -26.66 44.32 0.78
C LEU F 43 -27.94 43.83 1.45
N TYR F 44 -27.91 42.70 2.16
CA TYR F 44 -29.11 42.07 2.72
C TYR F 44 -29.03 41.98 4.25
N PRO F 45 -28.87 43.13 4.92
CA PRO F 45 -28.73 43.12 6.39
C PRO F 45 -29.90 42.49 7.10
N SER F 46 -31.06 42.38 6.43
CA SER F 46 -32.24 41.75 7.03
C SER F 46 -32.12 40.24 7.11
N ILE F 47 -31.45 39.62 6.13
CA ILE F 47 -31.45 38.17 6.03
C ILE F 47 -30.15 37.58 6.54
N ILE F 48 -29.02 38.18 6.19
CA ILE F 48 -27.73 37.65 6.58
C ILE F 48 -27.13 38.59 7.63
N GLN F 49 -26.82 38.04 8.81
CA GLN F 49 -26.18 38.84 9.85
C GLN F 49 -25.03 38.12 10.55
N VAL F 50 -24.85 36.82 10.32
CA VAL F 50 -23.63 36.09 10.64
C VAL F 50 -23.16 35.34 9.40
N ARG F 51 -21.93 34.80 9.47
CA ARG F 51 -21.31 34.22 8.28
C ARG F 51 -22.12 33.04 7.73
N GLU F 52 -22.86 32.32 8.57
CA GLU F 52 -23.49 31.09 8.12
C GLU F 52 -24.84 31.32 7.45
N ASP F 53 -25.36 32.54 7.41
CA ASP F 53 -26.67 32.79 6.82
C ASP F 53 -26.62 33.03 5.32
N THR F 54 -25.43 33.02 4.69
CA THR F 54 -25.34 33.28 3.27
C THR F 54 -25.92 32.15 2.42
N ARG F 55 -26.17 30.99 3.01
CA ARG F 55 -26.84 29.93 2.28
C ARG F 55 -28.30 30.27 1.97
N LYS F 56 -28.90 31.11 2.79
CA LYS F 56 -30.28 31.53 2.58
C LYS F 56 -30.46 32.19 1.21
N LEU F 57 -29.42 32.85 0.71
CA LEU F 57 -29.58 33.79 -0.40
C LEU F 57 -30.12 33.13 -1.66
N PRO F 58 -30.90 33.86 -2.47
CA PRO F 58 -31.29 33.35 -3.80
C PRO F 58 -30.10 33.25 -4.75
N ARG F 59 -30.12 32.19 -5.58
CA ARG F 59 -28.96 31.89 -6.42
C ARG F 59 -28.61 33.08 -7.34
N ALA F 60 -29.63 33.76 -7.88
CA ALA F 60 -29.39 34.99 -8.64
C ALA F 60 -28.67 36.06 -7.82
N ASP F 61 -28.61 35.93 -6.50
CA ASP F 61 -27.94 36.93 -5.67
C ASP F 61 -26.63 36.44 -5.08
N TYR F 62 -26.55 35.18 -4.65
CA TYR F 62 -25.27 34.60 -4.24
C TYR F 62 -24.25 34.66 -5.37
N ARG F 63 -24.69 34.59 -6.62
CA ARG F 63 -23.75 34.62 -7.72
C ARG F 63 -23.16 36.01 -7.88
N ASN F 64 -23.99 37.04 -7.73
CA ASN F 64 -23.43 38.37 -7.87
C ASN F 64 -22.56 38.74 -6.68
N ILE F 65 -22.70 38.05 -5.55
CA ILE F 65 -21.90 38.37 -4.37
C ILE F 65 -20.51 37.77 -4.51
N GLN F 66 -20.44 36.54 -5.01
CA GLN F 66 -19.16 35.95 -5.37
C GLN F 66 -18.43 36.83 -6.37
N ILE F 67 -19.13 37.25 -7.43
CA ILE F 67 -18.51 38.07 -8.46
C ILE F 67 -17.99 39.39 -7.88
N GLU F 68 -18.76 40.04 -7.01
CA GLU F 68 -18.39 41.34 -6.47
C GLU F 68 -17.29 41.22 -5.42
N ALA F 69 -17.40 40.25 -4.51
CA ALA F 69 -16.31 39.92 -3.62
C ALA F 69 -15.00 39.75 -4.37
N ALA F 70 -15.04 39.05 -5.50
CA ALA F 70 -13.84 38.81 -6.28
C ALA F 70 -13.31 40.11 -6.85
N LYS F 71 -14.20 40.95 -7.36
CA LYS F 71 -13.82 42.26 -7.87
C LYS F 71 -13.12 43.05 -6.78
N LYS F 72 -13.69 43.03 -5.58
CA LYS F 72 -13.06 43.76 -4.50
C LYS F 72 -11.68 43.18 -4.16
N ILE F 73 -11.57 41.84 -4.09
CA ILE F 73 -10.27 41.22 -3.84
C ILE F 73 -9.28 41.66 -4.92
N SER F 74 -9.76 41.83 -6.13
CA SER F 74 -8.91 42.15 -7.26
C SER F 74 -8.30 43.55 -7.22
N LEU F 75 -8.85 44.48 -6.41
CA LEU F 75 -8.24 45.81 -6.28
C LEU F 75 -6.92 45.81 -5.48
N ILE F 76 -6.53 44.70 -4.85
CA ILE F 76 -5.33 44.64 -4.01
C ILE F 76 -4.08 44.53 -4.89
N THR F 77 -3.06 45.39 -4.69
CA THR F 77 -1.85 45.50 -5.54
C THR F 77 -0.62 44.81 -4.93
N ASP F 78 -0.73 44.35 -3.69
CA ASP F 78 0.30 43.57 -2.97
C ASP F 78 0.32 42.13 -3.49
N ASN F 79 1.29 41.33 -3.06
CA ASN F 79 1.26 39.86 -3.27
C ASN F 79 -0.02 39.40 -2.59
N LEU F 80 -0.79 38.52 -3.20
CA LEU F 80 -2.06 38.18 -2.54
C LEU F 80 -2.28 36.65 -2.39
N ILE F 81 -2.83 36.22 -1.25
CA ILE F 81 -3.22 34.85 -0.97
C ILE F 81 -4.72 34.81 -0.65
N VAL F 82 -5.54 34.19 -1.49
CA VAL F 82 -6.98 34.05 -1.22
C VAL F 82 -7.19 32.66 -0.65
N ASP F 83 -7.89 32.55 0.47
CA ASP F 83 -8.15 31.30 1.17
C ASP F 83 -9.56 30.86 0.79
N THR F 84 -9.71 29.72 0.13
CA THR F 84 -11.01 29.21 -0.32
C THR F 84 -10.89 27.69 -0.48
N HIS F 85 -11.88 27.07 -1.08
CA HIS F 85 -11.83 25.62 -1.28
C HIS F 85 -11.87 25.25 -2.76
N MET F 86 -11.21 24.18 -3.13
CA MET F 86 -11.38 23.56 -4.42
C MET F 86 -12.70 22.80 -4.56
N SER F 87 -13.34 22.40 -3.47
CA SER F 87 -14.61 21.67 -3.61
C SER F 87 -15.31 21.60 -2.28
N LEU F 88 -16.64 21.57 -2.33
CA LEU F 88 -17.52 21.33 -1.19
C LEU F 88 -18.16 19.95 -1.31
N LYS F 89 -18.27 19.22 -0.20
CA LYS F 89 -19.08 18.01 -0.17
C LYS F 89 -20.53 18.35 0.19
N THR F 90 -21.47 17.72 -0.50
CA THR F 90 -22.90 17.97 -0.34
C THR F 90 -23.63 16.64 -0.47
N PRO F 91 -24.89 16.54 -0.08
CA PRO F 91 -25.60 15.28 -0.27
C PRO F 91 -25.55 14.80 -1.69
N TYR F 92 -25.35 15.72 -2.64
CA TYR F 92 -25.29 15.38 -4.06
C TYR F 92 -23.89 15.01 -4.54
N GLY F 93 -22.91 14.99 -3.67
CA GLY F 93 -21.52 14.85 -4.08
C GLY F 93 -20.72 16.15 -3.93
N PHE F 94 -19.57 16.14 -4.56
CA PHE F 94 -18.70 17.29 -4.54
C PHE F 94 -19.14 18.33 -5.56
N TYR F 95 -19.03 19.58 -5.18
CA TYR F 95 -19.28 20.66 -6.08
C TYR F 95 -18.05 21.58 -6.16
N PRO F 96 -17.70 22.03 -7.36
CA PRO F 96 -16.58 22.98 -7.51
C PRO F 96 -16.64 24.10 -6.51
N GLY F 97 -15.48 24.41 -5.92
CA GLY F 97 -15.45 25.53 -4.97
C GLY F 97 -15.42 26.88 -5.64
N LEU F 98 -14.84 26.97 -6.85
CA LEU F 98 -14.71 28.23 -7.60
C LEU F 98 -15.68 28.31 -8.79
N ILE F 99 -16.40 29.41 -8.90
CA ILE F 99 -16.98 29.63 -10.22
C ILE F 99 -15.90 30.20 -11.15
N PRO F 100 -15.97 29.87 -12.44
CA PRO F 100 -15.03 30.45 -13.39
C PRO F 100 -14.93 31.97 -13.37
N GLU F 101 -16.02 32.69 -13.08
CA GLU F 101 -15.96 34.17 -13.03
C GLU F 101 -14.99 34.66 -11.94
N THR F 102 -14.93 33.94 -10.81
CA THR F 102 -13.95 34.23 -9.76
C THR F 102 -12.50 34.10 -10.25
N ILE F 103 -12.17 33.07 -11.03
CA ILE F 103 -10.80 32.94 -11.51
C ILE F 103 -10.52 33.95 -12.63
N ASN F 104 -11.50 34.22 -13.48
CA ASN F 104 -11.26 35.21 -14.52
C ASN F 104 -10.99 36.58 -13.92
N ILE F 105 -11.66 36.92 -12.83
CA ILE F 105 -11.48 38.24 -12.24
C ILE F 105 -10.14 38.35 -11.51
N ILE F 106 -9.90 37.44 -10.56
CA ILE F 106 -8.70 37.52 -9.75
C ILE F 106 -7.45 37.22 -10.54
N GLN F 107 -7.56 36.39 -11.59
CA GLN F 107 -6.45 35.94 -12.40
C GLN F 107 -5.25 35.39 -11.59
N PRO F 108 -5.48 34.37 -10.76
CA PRO F 108 -4.38 33.86 -9.93
C PRO F 108 -3.25 33.31 -10.78
N ASP F 109 -2.03 33.39 -10.23
CA ASP F 109 -0.86 32.77 -10.85
C ASP F 109 -0.85 31.28 -10.57
N GLY F 110 -1.55 30.85 -9.54
CA GLY F 110 -1.54 29.46 -9.20
C GLY F 110 -2.50 29.13 -8.08
N ILE F 111 -2.57 27.84 -7.83
CA ILE F 111 -3.37 27.24 -6.79
C ILE F 111 -2.43 26.47 -5.90
N ILE F 112 -2.57 26.62 -4.60
CA ILE F 112 -1.75 25.93 -3.62
C ILE F 112 -2.67 24.96 -2.90
N LEU F 113 -2.27 23.70 -2.83
CA LEU F 113 -3.00 22.71 -2.05
C LEU F 113 -2.16 22.26 -0.86
N LEU F 114 -2.74 22.36 0.34
CA LEU F 114 -2.15 21.83 1.56
C LEU F 114 -2.73 20.46 1.79
N GLU F 115 -1.90 19.42 1.69
CA GLU F 115 -2.37 18.05 1.87
C GLU F 115 -1.94 17.45 3.20
N PHE F 116 -2.84 16.67 3.85
CA PHE F 116 -2.57 16.15 5.19
C PHE F 116 -2.83 14.66 5.27
N ASN F 117 -2.24 14.04 6.29
CA ASN F 117 -2.66 12.71 6.66
C ASN F 117 -4.08 12.81 7.23
N PRO F 118 -5.00 11.96 6.81
CA PRO F 118 -6.37 12.07 7.35
C PRO F 118 -6.45 12.00 8.87
N ARG F 119 -5.59 11.19 9.51
CA ARG F 119 -5.58 11.13 10.97
C ARG F 119 -5.35 12.49 11.60
N ASP F 120 -4.48 13.32 11.01
CA ASP F 120 -4.22 14.63 11.60
C ASP F 120 -5.41 15.56 11.38
N VAL F 121 -6.11 15.43 10.25
CA VAL F 121 -7.31 16.21 10.01
C VAL F 121 -8.39 15.88 11.02
N ILE F 122 -8.55 14.60 11.35
CA ILE F 122 -9.59 14.23 12.29
C ILE F 122 -9.29 14.82 13.65
N ALA F 123 -8.01 14.79 14.05
CA ALA F 123 -7.60 15.27 15.35
C ALA F 123 -7.66 16.78 15.45
N ARG F 124 -7.26 17.48 14.40
CA ARG F 124 -7.36 18.93 14.47
C ARG F 124 -8.81 19.39 14.46
N ARG F 125 -9.71 18.61 13.84
CA ARG F 125 -11.13 18.98 13.83
C ARG F 125 -11.73 18.88 15.22
N GLU F 126 -11.42 17.78 15.92
CA GLU F 126 -11.83 17.60 17.30
C GLU F 126 -11.29 18.71 18.20
N LYS F 127 -10.06 19.15 17.99
CA LYS F 127 -9.52 20.23 18.82
C LYS F 127 -10.20 21.57 18.54
N ASP F 128 -10.72 21.77 17.34
CA ASP F 128 -11.49 22.97 17.09
C ASP F 128 -12.80 22.95 17.88
N ARG F 129 -13.52 21.81 17.89
CA ARG F 129 -14.63 21.66 18.82
C ARG F 129 -14.19 22.04 20.25
N LEU F 130 -13.14 21.38 20.74
CA LEU F 130 -12.71 21.54 22.12
C LEU F 130 -12.28 22.95 22.47
N ALA F 131 -12.12 23.83 21.49
CA ALA F 131 -11.85 25.23 21.78
C ALA F 131 -12.99 26.13 21.31
N GLY F 132 -14.17 25.58 21.09
CA GLY F 132 -15.34 26.37 20.79
C GLY F 132 -15.33 27.04 19.42
N LYS F 133 -14.80 26.36 18.40
CA LYS F 133 -14.92 26.79 17.01
C LYS F 133 -15.80 25.86 16.19
N ARG F 134 -16.61 25.04 16.84
CA ARG F 134 -17.47 24.07 16.18
C ARG F 134 -18.39 23.51 17.27
N VAL F 135 -19.65 23.33 16.93
CA VAL F 135 -20.64 22.84 17.89
C VAL F 135 -20.75 21.31 17.83
N THR F 136 -20.62 20.75 16.63
CA THR F 136 -20.64 19.31 16.42
C THR F 136 -19.24 18.70 16.44
N ARG F 137 -19.17 17.43 16.77
CA ARG F 137 -17.98 16.63 16.52
C ARG F 137 -18.05 16.13 15.08
N ASP F 138 -16.95 16.25 14.35
CA ASP F 138 -16.96 15.91 12.93
C ASP F 138 -16.88 14.38 12.73
N MET F 139 -17.67 13.87 11.79
CA MET F 139 -17.86 12.43 11.67
C MET F 139 -17.19 11.84 10.44
N GLU F 140 -16.29 12.57 9.77
CA GLU F 140 -15.69 12.05 8.56
C GLU F 140 -14.57 11.06 8.87
N SER F 141 -14.55 9.99 8.13
CA SER F 141 -13.57 8.96 8.27
C SER F 141 -12.32 9.30 7.47
N GLU F 142 -11.27 8.49 7.70
CA GLU F 142 -10.01 8.71 7.00
C GLU F 142 -10.22 8.61 5.49
N THR F 143 -10.97 7.60 5.05
CA THR F 143 -11.19 7.42 3.61
C THR F 143 -11.97 8.59 3.01
N ASP F 144 -12.97 9.12 3.74
CA ASP F 144 -13.71 10.29 3.27
C ASP F 144 -12.78 11.50 3.06
N ILE F 145 -11.79 11.68 3.93
CA ILE F 145 -10.87 12.81 3.81
C ILE F 145 -9.88 12.58 2.69
N LEU F 146 -9.31 11.38 2.66
CA LEU F 146 -8.56 10.93 1.49
C LEU F 146 -9.31 11.20 0.18
N LEU F 147 -10.58 10.77 0.08
CA LEU F 147 -11.29 10.98 -1.18
C LEU F 147 -11.33 12.45 -1.55
N HIS F 148 -11.66 13.30 -0.57
CA HIS F 148 -11.77 14.73 -0.77
C HIS F 148 -10.47 15.32 -1.27
N GLN F 149 -9.34 14.93 -0.68
CA GLN F 149 -8.06 15.48 -1.11
C GLN F 149 -7.71 15.04 -2.52
N GLN F 150 -8.01 13.78 -2.86
CA GLN F 150 -7.83 13.29 -4.22
C GLN F 150 -8.64 14.12 -5.20
N VAL F 151 -9.89 14.45 -4.82
CA VAL F 151 -10.81 15.18 -5.69
C VAL F 151 -10.36 16.63 -5.84
N ASN F 152 -9.91 17.26 -4.74
CA ASN F 152 -9.37 18.61 -4.79
C ASN F 152 -8.19 18.73 -5.74
N ARG F 153 -7.36 17.71 -5.75
CA ARG F 153 -6.23 17.66 -6.68
C ARG F 153 -6.71 17.62 -8.11
N MET F 154 -7.77 16.86 -8.41
CA MET F 154 -8.31 16.83 -9.77
C MET F 154 -8.99 18.14 -10.14
N PHE F 155 -9.67 18.82 -9.18
CA PHE F 155 -10.21 20.14 -9.52
C PHE F 155 -9.08 21.11 -9.88
N ALA F 156 -7.97 21.08 -9.12
CA ALA F 156 -6.91 22.06 -9.29
C ALA F 156 -6.28 21.97 -10.67
N VAL F 157 -6.00 20.75 -11.12
CA VAL F 157 -5.46 20.53 -12.45
C VAL F 157 -6.46 20.88 -13.55
N SER F 158 -7.75 20.62 -13.32
CA SER F 158 -8.73 21.00 -14.32
C SER F 158 -8.72 22.51 -14.49
N TYR F 159 -8.85 23.22 -13.36
CA TYR F 159 -8.69 24.67 -13.38
C TYR F 159 -7.37 25.11 -14.05
N SER F 160 -6.27 24.41 -13.82
CA SER F 160 -5.02 24.84 -14.46
C SER F 160 -5.06 24.57 -15.96
N ALA F 161 -5.62 23.43 -16.40
CA ALA F 161 -5.72 23.19 -17.83
C ALA F 161 -6.60 24.25 -18.55
N ILE F 162 -7.73 24.61 -17.95
CA ILE F 162 -8.61 25.62 -18.50
C ILE F 162 -7.97 27.01 -18.46
N ASN F 163 -7.29 27.34 -17.38
CA ASN F 163 -6.85 28.75 -17.18
C ASN F 163 -5.36 29.02 -17.28
N GLN F 164 -4.51 28.02 -17.47
CA GLN F 164 -3.01 28.11 -17.52
C GLN F 164 -2.39 28.71 -16.25
N CYS F 165 -2.55 28.07 -15.11
CA CYS F 165 -2.00 28.50 -13.81
C CYS F 165 -1.17 27.39 -13.16
N TYR F 166 -0.33 27.74 -12.19
CA TYR F 166 0.54 26.83 -11.42
C TYR F 166 -0.31 25.98 -10.47
N VAL F 167 0.09 24.74 -10.21
CA VAL F 167 -0.56 23.78 -9.27
C VAL F 167 0.54 23.36 -8.27
N LYS F 168 0.55 23.91 -7.06
CA LYS F 168 1.57 23.68 -6.07
C LYS F 168 0.95 22.85 -4.95
N ILE F 169 1.45 21.64 -4.78
CA ILE F 169 0.96 20.69 -3.81
C ILE F 169 1.95 20.68 -2.68
N ILE F 170 1.53 21.10 -1.49
CA ILE F 170 2.40 21.10 -0.33
C ILE F 170 2.10 19.88 0.50
N ASP F 171 3.11 19.00 0.59
CA ASP F 171 3.03 17.75 1.36
C ASP F 171 3.20 18.00 2.86
N LEU F 172 2.11 17.84 3.62
CA LEU F 172 2.18 17.83 5.07
C LEU F 172 1.62 16.53 5.63
N THR F 173 1.89 15.41 4.97
CA THR F 173 1.39 14.11 5.42
C THR F 173 2.37 13.36 6.32
N TRP F 174 3.61 13.84 6.42
CA TRP F 174 4.62 13.26 7.31
C TRP F 174 4.30 13.54 8.78
N PRO F 175 4.86 12.74 9.68
CA PRO F 175 4.42 12.82 11.09
C PRO F 175 5.08 13.97 11.82
N GLN F 176 4.26 14.72 12.55
CA GLN F 176 4.76 15.90 13.24
C GLN F 176 5.63 15.47 14.41
N GLU F 177 6.87 15.95 14.42
CA GLU F 177 7.73 15.74 15.58
C GLU F 177 7.38 16.68 16.72
N TYR F 178 7.05 17.93 16.41
CA TYR F 178 6.52 18.85 17.41
C TYR F 178 5.31 19.59 16.86
N GLU F 179 4.71 20.40 17.72
CA GLU F 179 3.45 21.04 17.40
C GLU F 179 3.66 22.24 16.48
N PHE F 180 2.78 22.36 15.49
CA PHE F 180 2.78 23.44 14.52
C PHE F 180 3.93 23.34 13.55
N GLN F 181 4.55 22.17 13.46
CA GLN F 181 5.59 21.98 12.47
C GLN F 181 4.99 21.96 11.06
N HIS F 182 3.80 21.38 10.91
CA HIS F 182 3.11 21.44 9.62
C HIS F 182 2.86 22.88 9.14
N THR F 183 2.22 23.71 9.97
CA THR F 183 1.95 25.07 9.52
C THR F 183 3.25 25.85 9.35
N GLU F 184 4.22 25.59 10.22
CA GLU F 184 5.52 26.23 10.07
C GLU F 184 6.15 25.87 8.72
N TYR F 185 6.07 24.58 8.31
CA TYR F 185 6.64 24.12 7.05
C TYR F 185 5.90 24.71 5.85
N ALA F 186 4.56 24.78 5.91
CA ALA F 186 3.81 25.36 4.80
C ALA F 186 4.04 26.88 4.71
N VAL F 187 4.02 27.58 5.86
CA VAL F 187 4.30 29.02 5.86
C VAL F 187 5.65 29.33 5.20
N ASN F 188 6.69 28.52 5.47
CA ASN F 188 7.99 28.85 4.91
C ASN F 188 8.10 28.48 3.43
N LYS F 189 7.51 27.33 3.04
CA LYS F 189 7.53 26.95 1.62
C LYS F 189 6.82 28.00 0.77
N ILE F 190 5.76 28.59 1.33
CA ILE F 190 5.01 29.62 0.62
C ILE F 190 5.77 30.93 0.57
N ILE F 191 6.39 31.36 1.68
CA ILE F 191 7.20 32.58 1.61
C ILE F 191 8.36 32.41 0.62
N GLU F 192 9.05 31.27 0.70
CA GLU F 192 10.08 30.94 -0.29
C GLU F 192 9.55 31.13 -1.71
N MET F 193 8.38 30.57 -2.02
CA MET F 193 7.80 30.73 -3.35
C MET F 193 7.57 32.19 -3.69
N LEU F 194 6.96 32.96 -2.77
CA LEU F 194 6.64 34.35 -3.04
C LEU F 194 7.88 35.21 -3.19
N ASN F 195 8.95 34.87 -2.48
CA ASN F 195 10.18 35.66 -2.51
C ASN F 195 11.19 35.08 -3.47
N PHE F 196 10.77 34.21 -4.35
CA PHE F 196 11.69 33.61 -5.28
C PHE F 196 12.07 34.59 -6.40
N LYS F 197 13.35 34.61 -6.73
CA LYS F 197 13.84 35.29 -7.92
C LYS F 197 14.77 34.33 -8.65
#